data_5U62
#
_entry.id   5U62
#
_cell.length_a   92.881
_cell.length_b   178.113
_cell.length_c   50.480
_cell.angle_alpha   90.00
_cell.angle_beta   90.00
_cell.angle_gamma   90.00
#
_symmetry.space_group_name_H-M   'P 21 21 2'
#
loop_
_entity.id
_entity.type
_entity.pdbx_description
1 polymer 'Polycomb protein EED'
2 polymer 'Histone-lysine N-methyltransferase EZH2'
3 non-polymer GLYCEROL
4 non-polymer 'YTTRIUM (III) ION'
5 non-polymer (6S)-6-[(2H-1,3-benzodioxol-4-yl)methyl]-5,6,7,8-tetrahydroimidazo[1,5-a]pyridin-3-amine
6 water water
#
loop_
_entity_poly.entity_id
_entity_poly.type
_entity_poly.pdbx_seq_one_letter_code
_entity_poly.pdbx_strand_id
1 'polypeptide(L)'
;GKKCKYSFKCVNSLKEDHNQPLFGVQFNWHSKEGDPLVFATVGSNRVTLYECHSQGEIRLLQSYVDADADENFYTCAWTY
DSNTSHPLLAVAGSRGIIRIINPITMQCIKHYVGHGNAINELKFHPRDPNLLLSVSKDHALRLWNIQTDTLVAIFGGVEG
HRDEVLSADYDLLGEKIMSCGMDHSLKLWRINSKRMMNAIKESYDYNPNKTNRPFISQKIHFPDFSTRDIHRNYVDCVRW
LGDLILSKSCENAIVCWKPGKMEDDIDKIKPSESNVTILGRFDYSQCDIWYMRFSMDFWQKMLALGNQVGKLYVWDLEVE
DPHKAKCTTLTHHKCGAAIRQTSFSRDSSILIAVCDDASIWRWDRLR
;
A,B
2 'polypeptide(L)' KSMFSSNRQKILERTEILNQEWKQRRIQPV C,D
#
loop_
_chem_comp.id
_chem_comp.type
_chem_comp.name
_chem_comp.formula
7WD non-polymer (6S)-6-[(2H-1,3-benzodioxol-4-yl)methyl]-5,6,7,8-tetrahydroimidazo[1,5-a]pyridin-3-amine 'C15 H17 N3 O2'
GOL non-polymer GLYCEROL 'C3 H8 O3'
YT3 non-polymer 'YTTRIUM (III) ION' 'Y 3'
#
# COMPACT_ATOMS: atom_id res chain seq x y z
N LYS A 5 29.68 -26.95 3.92
CA LYS A 5 28.30 -27.44 3.90
C LYS A 5 27.77 -27.51 2.45
N TYR A 6 27.81 -26.38 1.73
CA TYR A 6 27.33 -26.24 0.36
C TYR A 6 28.31 -26.76 -0.67
N SER A 7 27.84 -27.60 -1.59
CA SER A 7 28.66 -28.13 -2.68
C SER A 7 27.97 -27.92 -4.04
N PHE A 8 28.75 -27.67 -5.08
CA PHE A 8 28.23 -27.39 -6.43
C PHE A 8 28.97 -28.19 -7.50
N LYS A 9 28.31 -28.42 -8.64
CA LYS A 9 28.88 -29.11 -9.80
C LYS A 9 28.73 -28.17 -11.01
N CYS A 10 29.78 -28.05 -11.81
CA CYS A 10 29.72 -27.23 -13.02
C CYS A 10 29.07 -28.07 -14.10
N VAL A 11 27.87 -27.66 -14.49
CA VAL A 11 27.06 -28.47 -15.42
C VAL A 11 27.12 -27.93 -16.87
N ASN A 12 27.49 -26.66 -17.03
CA ASN A 12 27.52 -26.05 -18.37
C ASN A 12 28.30 -24.76 -18.39
N SER A 13 28.69 -24.37 -19.60
CA SER A 13 29.35 -23.09 -19.85
C SER A 13 29.16 -22.71 -21.30
N LEU A 14 29.34 -21.43 -21.60
CA LEU A 14 29.29 -20.95 -22.97
C LEU A 14 30.09 -19.66 -23.06
N LYS A 15 30.27 -19.18 -24.28
CA LYS A 15 30.98 -17.94 -24.53
C LYS A 15 30.12 -17.11 -25.48
N GLU A 16 29.94 -15.80 -25.17
CA GLU A 16 29.19 -14.92 -26.08
C GLU A 16 30.14 -14.50 -27.20
N ASP A 17 29.64 -14.44 -28.45
CA ASP A 17 30.48 -14.21 -29.63
C ASP A 17 31.13 -12.81 -29.74
N HIS A 18 30.74 -11.84 -28.89
CA HIS A 18 31.36 -10.51 -28.89
C HIS A 18 32.79 -10.54 -28.27
N ASN A 19 33.11 -11.60 -27.47
CA ASN A 19 34.40 -11.85 -26.79
C ASN A 19 34.88 -10.70 -25.90
N GLN A 20 33.96 -9.83 -25.47
CA GLN A 20 34.32 -8.71 -24.60
C GLN A 20 34.01 -9.08 -23.15
N PRO A 21 34.63 -8.40 -22.13
CA PRO A 21 34.29 -8.73 -20.75
C PRO A 21 32.81 -8.62 -20.40
N LEU A 22 32.31 -9.56 -19.59
CA LEU A 22 30.95 -9.48 -19.09
C LEU A 22 31.09 -8.94 -17.66
N PHE A 23 30.52 -7.77 -17.37
CA PHE A 23 30.69 -7.12 -16.06
C PHE A 23 29.55 -7.35 -15.10
N GLY A 24 28.40 -7.74 -15.63
CA GLY A 24 27.23 -7.94 -14.80
C GLY A 24 26.45 -9.19 -15.16
N VAL A 25 25.80 -9.76 -14.14
CA VAL A 25 24.91 -10.91 -14.23
C VAL A 25 23.87 -10.83 -13.09
N GLN A 26 22.58 -11.07 -13.41
CA GLN A 26 21.51 -11.04 -12.43
C GLN A 26 20.43 -12.04 -12.82
N PHE A 27 20.05 -12.92 -11.89
CA PHE A 27 18.87 -13.76 -12.08
C PHE A 27 17.70 -12.83 -11.79
N ASN A 28 16.54 -13.13 -12.35
CA ASN A 28 15.32 -12.39 -12.10
C ASN A 28 14.68 -13.03 -10.89
N TRP A 29 14.84 -12.38 -9.73
CA TRP A 29 14.26 -12.88 -8.47
C TRP A 29 12.78 -12.52 -8.33
N HIS A 30 12.18 -11.82 -9.33
CA HIS A 30 10.75 -11.47 -9.27
C HIS A 30 9.87 -12.55 -9.86
N SER A 31 10.45 -13.52 -10.57
CA SER A 31 9.67 -14.61 -11.18
C SER A 31 9.03 -15.50 -10.08
N LYS A 32 7.74 -15.85 -10.28
CA LYS A 32 6.99 -16.64 -9.30
C LYS A 32 7.48 -18.09 -9.25
N GLU A 33 7.23 -18.78 -8.12
CA GLU A 33 7.64 -20.19 -7.98
C GLU A 33 6.84 -21.00 -9.00
N GLY A 34 7.54 -21.83 -9.76
CA GLY A 34 6.91 -22.63 -10.81
C GLY A 34 7.20 -22.12 -12.21
N ASP A 35 7.77 -20.91 -12.30
CA ASP A 35 8.16 -20.24 -13.54
C ASP A 35 9.64 -20.47 -13.86
N PRO A 36 10.09 -20.37 -15.13
CA PRO A 36 11.49 -20.69 -15.42
C PRO A 36 12.50 -19.68 -14.88
N LEU A 37 13.66 -20.20 -14.42
CA LEU A 37 14.76 -19.41 -13.89
C LEU A 37 15.43 -18.68 -15.04
N VAL A 38 15.37 -17.34 -15.03
N VAL A 38 15.41 -17.34 -14.98
CA VAL A 38 15.93 -16.48 -16.07
CA VAL A 38 15.95 -16.48 -16.03
C VAL A 38 17.00 -15.55 -15.50
C VAL A 38 17.04 -15.59 -15.46
N PHE A 39 18.13 -15.42 -16.21
CA PHE A 39 19.21 -14.48 -15.83
C PHE A 39 19.61 -13.63 -17.01
N ALA A 40 20.13 -12.43 -16.73
CA ALA A 40 20.59 -11.52 -17.76
C ALA A 40 22.10 -11.32 -17.61
N THR A 41 22.80 -11.10 -18.73
CA THR A 41 24.22 -10.78 -18.73
C THR A 41 24.42 -9.46 -19.43
N VAL A 42 25.42 -8.70 -18.98
CA VAL A 42 25.74 -7.41 -19.60
C VAL A 42 27.23 -7.29 -19.80
N GLY A 43 27.60 -6.80 -20.97
CA GLY A 43 28.97 -6.54 -21.36
C GLY A 43 28.98 -6.01 -22.78
N SER A 44 30.04 -5.27 -23.17
CA SER A 44 30.13 -4.62 -24.51
C SER A 44 28.83 -3.80 -24.72
N ASN A 45 28.22 -3.79 -25.91
CA ASN A 45 26.96 -3.06 -26.12
C ASN A 45 25.80 -4.07 -26.08
N ARG A 46 25.98 -5.13 -25.30
CA ARG A 46 25.03 -6.23 -25.25
C ARG A 46 24.35 -6.47 -23.92
N VAL A 47 23.10 -6.96 -24.00
CA VAL A 47 22.27 -7.39 -22.87
C VAL A 47 21.69 -8.70 -23.33
N THR A 48 21.99 -9.80 -22.63
CA THR A 48 21.50 -11.11 -23.11
C THR A 48 20.72 -11.83 -22.04
N LEU A 49 19.59 -12.45 -22.43
CA LEU A 49 18.75 -13.23 -21.53
C LEU A 49 18.87 -14.71 -21.81
N TYR A 50 18.91 -15.50 -20.73
CA TYR A 50 19.01 -16.95 -20.80
C TYR A 50 18.05 -17.58 -19.84
N GLU A 51 17.62 -18.76 -20.18
CA GLU A 51 16.72 -19.51 -19.33
C GLU A 51 17.45 -20.80 -18.90
N CYS A 52 17.37 -21.13 -17.61
CA CYS A 52 17.97 -22.35 -17.06
C CYS A 52 16.97 -23.51 -17.10
N HIS A 53 17.36 -24.61 -17.72
CA HIS A 53 16.54 -25.82 -17.80
C HIS A 53 17.23 -27.00 -17.14
N SER A 54 16.53 -28.13 -17.04
CA SER A 54 17.09 -29.31 -16.39
C SER A 54 18.35 -29.83 -17.16
N GLN A 55 19.21 -30.57 -16.47
CA GLN A 55 20.42 -31.20 -17.02
C GLN A 55 21.42 -30.14 -17.52
N GLY A 56 21.49 -29.05 -16.76
CA GLY A 56 22.41 -27.95 -17.00
C GLY A 56 22.16 -27.09 -18.22
N GLU A 57 21.06 -27.35 -18.98
CA GLU A 57 20.75 -26.62 -20.20
C GLU A 57 20.61 -25.10 -19.97
N ILE A 58 21.34 -24.29 -20.77
CA ILE A 58 21.25 -22.83 -20.77
C ILE A 58 20.63 -22.48 -22.14
N ARG A 59 19.39 -22.01 -22.15
CA ARG A 59 18.69 -21.69 -23.38
C ARG A 59 18.74 -20.18 -23.64
N LEU A 60 19.35 -19.76 -24.77
CA LEU A 60 19.42 -18.36 -25.19
C LEU A 60 18.00 -17.90 -25.52
N LEU A 61 17.52 -16.82 -24.88
CA LEU A 61 16.15 -16.31 -25.15
C LEU A 61 16.15 -15.18 -26.16
N GLN A 62 16.90 -14.10 -25.86
CA GLN A 62 16.99 -12.93 -26.74
C GLN A 62 18.22 -12.12 -26.39
N SER A 63 18.68 -11.33 -27.37
CA SER A 63 19.86 -10.48 -27.29
C SER A 63 19.47 -9.03 -27.64
N TYR A 64 19.88 -8.06 -26.81
CA TYR A 64 19.70 -6.65 -27.08
C TYR A 64 21.08 -6.15 -27.49
N VAL A 65 21.16 -5.46 -28.62
CA VAL A 65 22.39 -4.91 -29.14
C VAL A 65 22.18 -3.40 -29.32
N ASP A 66 22.85 -2.60 -28.51
CA ASP A 66 22.74 -1.16 -28.60
C ASP A 66 23.27 -0.64 -29.96
N ALA A 67 22.50 0.26 -30.61
CA ALA A 67 22.85 0.89 -31.89
C ALA A 67 24.22 1.59 -31.80
N ASP A 68 24.58 2.04 -30.58
CA ASP A 68 25.87 2.65 -30.27
C ASP A 68 26.83 1.51 -29.95
N ALA A 69 27.73 1.24 -30.91
CA ALA A 69 28.76 0.20 -30.83
C ALA A 69 29.78 0.50 -29.73
N ASP A 70 29.89 1.79 -29.31
CA ASP A 70 30.83 2.26 -28.28
C ASP A 70 30.25 2.24 -26.85
N GLU A 71 28.99 1.82 -26.69
CA GLU A 71 28.39 1.68 -25.36
C GLU A 71 29.04 0.47 -24.70
N ASN A 72 29.27 0.53 -23.39
CA ASN A 72 29.80 -0.59 -22.65
C ASN A 72 28.97 -0.75 -21.39
N PHE A 73 28.00 -1.71 -21.40
CA PHE A 73 27.14 -1.96 -20.25
C PHE A 73 27.95 -2.55 -19.10
N TYR A 74 27.78 -1.99 -17.92
CA TYR A 74 28.49 -2.35 -16.69
C TYR A 74 27.62 -3.06 -15.67
N THR A 75 26.30 -2.86 -15.75
CA THR A 75 25.38 -3.28 -14.71
C THR A 75 23.99 -3.45 -15.22
N CYS A 76 23.20 -4.29 -14.53
CA CYS A 76 21.79 -4.47 -14.85
C CYS A 76 21.05 -4.79 -13.57
N ALA A 77 19.75 -4.54 -13.55
CA ALA A 77 18.94 -4.83 -12.37
C ALA A 77 17.49 -5.05 -12.81
N TRP A 78 16.82 -6.03 -12.19
CA TRP A 78 15.43 -6.39 -12.49
C TRP A 78 14.44 -5.68 -11.60
N THR A 79 13.24 -5.43 -12.15
CA THR A 79 12.10 -4.91 -11.43
C THR A 79 10.84 -5.40 -12.15
N TYR A 80 9.69 -4.85 -11.79
CA TYR A 80 8.42 -5.17 -12.41
C TYR A 80 7.55 -3.90 -12.46
N ASP A 81 6.59 -3.90 -13.36
CA ASP A 81 5.63 -2.81 -13.49
C ASP A 81 4.61 -2.95 -12.34
N SER A 82 4.51 -1.91 -11.49
CA SER A 82 3.62 -1.86 -10.31
C SER A 82 2.12 -2.06 -10.61
N ASN A 83 1.69 -1.84 -11.87
CA ASN A 83 0.28 -1.95 -12.27
C ASN A 83 -0.08 -3.22 -13.03
N THR A 84 0.83 -3.72 -13.88
CA THR A 84 0.55 -4.88 -14.75
C THR A 84 1.32 -6.15 -14.39
N SER A 85 2.22 -6.09 -13.37
CA SER A 85 3.08 -7.20 -12.93
C SER A 85 4.13 -7.60 -14.01
N HIS A 86 4.19 -6.87 -15.12
CA HIS A 86 5.11 -7.11 -16.24
C HIS A 86 6.57 -6.99 -15.79
N PRO A 87 7.46 -7.96 -16.12
CA PRO A 87 8.88 -7.83 -15.71
C PRO A 87 9.58 -6.72 -16.49
N LEU A 88 10.58 -6.06 -15.86
CA LEU A 88 11.36 -4.98 -16.46
C LEU A 88 12.81 -5.18 -16.13
N LEU A 89 13.70 -4.74 -17.03
CA LEU A 89 15.14 -4.81 -16.82
C LEU A 89 15.82 -3.45 -17.08
N ALA A 90 16.53 -2.91 -16.07
CA ALA A 90 17.27 -1.66 -16.27
C ALA A 90 18.72 -1.99 -16.55
N VAL A 91 19.37 -1.28 -17.50
CA VAL A 91 20.78 -1.48 -17.85
C VAL A 91 21.46 -0.10 -18.02
N ALA A 92 22.78 -0.02 -17.76
CA ALA A 92 23.55 1.22 -17.89
C ALA A 92 25.04 0.90 -17.94
N GLY A 93 25.85 1.85 -18.39
CA GLY A 93 27.30 1.65 -18.46
C GLY A 93 28.09 2.91 -18.74
N SER A 94 29.15 2.77 -19.58
CA SER A 94 30.07 3.86 -19.94
C SER A 94 29.42 5.13 -20.48
N ARG A 95 28.31 5.01 -21.24
CA ARG A 95 27.63 6.19 -21.79
C ARG A 95 26.81 6.98 -20.75
N GLY A 96 26.57 6.39 -19.57
CA GLY A 96 25.79 7.04 -18.52
C GLY A 96 24.33 7.23 -18.86
N ILE A 97 23.78 6.34 -19.67
CA ILE A 97 22.37 6.38 -20.04
C ILE A 97 21.70 5.18 -19.41
N ILE A 98 20.56 5.42 -18.71
CA ILE A 98 19.83 4.30 -18.14
C ILE A 98 18.83 3.88 -19.19
N ARG A 99 18.77 2.61 -19.52
CA ARG A 99 17.79 2.08 -20.46
C ARG A 99 16.89 1.11 -19.72
N ILE A 100 15.56 1.33 -19.82
CA ILE A 100 14.54 0.42 -19.29
C ILE A 100 14.14 -0.46 -20.46
N ILE A 101 14.45 -1.75 -20.36
CA ILE A 101 14.17 -2.74 -21.39
C ILE A 101 13.00 -3.65 -21.01
N ASN A 102 12.13 -3.95 -21.98
CA ASN A 102 11.04 -4.91 -21.84
C ASN A 102 11.71 -6.28 -22.09
N PRO A 103 11.84 -7.14 -21.06
CA PRO A 103 12.60 -8.39 -21.25
C PRO A 103 11.87 -9.47 -22.06
N ILE A 104 10.53 -9.40 -22.13
CA ILE A 104 9.70 -10.32 -22.91
C ILE A 104 9.90 -10.08 -24.44
N THR A 105 10.13 -8.80 -24.86
CA THR A 105 10.32 -8.43 -26.29
C THR A 105 11.77 -8.03 -26.65
N MET A 106 12.59 -7.75 -25.63
CA MET A 106 13.99 -7.28 -25.68
C MET A 106 14.13 -5.90 -26.38
N GLN A 107 13.10 -5.06 -26.27
CA GLN A 107 13.14 -3.71 -26.80
C GLN A 107 13.19 -2.72 -25.65
N CYS A 108 13.89 -1.60 -25.86
CA CYS A 108 14.01 -0.53 -24.89
C CYS A 108 12.68 0.28 -24.86
N ILE A 109 12.07 0.43 -23.67
CA ILE A 109 10.81 1.15 -23.44
C ILE A 109 11.11 2.65 -23.36
N LYS A 110 12.16 3.00 -22.59
CA LYS A 110 12.57 4.37 -22.38
C LYS A 110 14.00 4.42 -21.85
N HIS A 111 14.59 5.61 -21.90
CA HIS A 111 15.93 5.84 -21.42
C HIS A 111 16.06 7.18 -20.69
N TYR A 112 16.98 7.25 -19.73
CA TYR A 112 17.25 8.46 -18.96
C TYR A 112 18.67 8.93 -19.15
N VAL A 113 18.82 10.21 -19.48
CA VAL A 113 20.09 10.93 -19.57
C VAL A 113 20.09 11.79 -18.27
N GLY A 114 21.27 12.08 -17.75
CA GLY A 114 21.39 12.93 -16.56
C GLY A 114 22.75 12.91 -15.91
N HIS A 115 23.25 11.70 -15.55
CA HIS A 115 24.56 11.51 -14.95
C HIS A 115 25.62 12.11 -15.88
N GLY A 116 26.56 12.84 -15.30
CA GLY A 116 27.64 13.49 -16.05
C GLY A 116 28.64 12.53 -16.67
N ASN A 117 28.50 11.21 -16.33
CA ASN A 117 29.41 10.20 -16.84
C ASN A 117 28.89 8.74 -16.64
N ALA A 118 29.79 7.78 -16.80
CA ALA A 118 29.54 6.35 -16.68
C ALA A 118 28.78 5.98 -15.41
N ILE A 119 27.85 5.02 -15.54
CA ILE A 119 27.08 4.50 -14.41
C ILE A 119 27.70 3.14 -14.03
N ASN A 120 28.16 3.03 -12.77
CA ASN A 120 28.85 1.82 -12.31
C ASN A 120 27.94 0.76 -11.73
N GLU A 121 26.74 1.13 -11.21
CA GLU A 121 25.81 0.17 -10.65
C GLU A 121 24.41 0.71 -10.63
N LEU A 122 23.43 -0.19 -10.77
CA LEU A 122 21.99 0.07 -10.67
C LEU A 122 21.44 -0.87 -9.61
N LYS A 123 20.52 -0.36 -8.81
CA LYS A 123 19.82 -1.16 -7.79
C LYS A 123 18.38 -0.70 -7.69
N PHE A 124 17.42 -1.63 -7.53
CA PHE A 124 16.03 -1.27 -7.30
C PHE A 124 15.69 -1.41 -5.85
N HIS A 125 14.85 -0.49 -5.33
CA HIS A 125 14.38 -0.46 -3.94
C HIS A 125 13.70 -1.83 -3.64
N PRO A 126 13.95 -2.47 -2.47
CA PRO A 126 13.34 -3.80 -2.21
C PRO A 126 11.82 -3.81 -1.95
N ARG A 127 11.18 -2.63 -1.71
CA ARG A 127 9.73 -2.56 -1.47
C ARG A 127 9.00 -1.84 -2.57
N ASP A 128 9.60 -0.78 -3.11
CA ASP A 128 8.96 0.01 -4.16
C ASP A 128 9.65 -0.31 -5.48
N PRO A 129 8.95 -1.01 -6.42
CA PRO A 129 9.60 -1.41 -7.68
C PRO A 129 9.96 -0.27 -8.62
N ASN A 130 9.41 0.92 -8.39
CA ASN A 130 9.67 2.08 -9.24
C ASN A 130 10.94 2.87 -8.90
N LEU A 131 11.51 2.64 -7.69
CA LEU A 131 12.65 3.42 -7.24
C LEU A 131 13.97 2.80 -7.66
N LEU A 132 14.62 3.44 -8.62
CA LEU A 132 15.90 3.01 -9.18
C LEU A 132 17.06 3.87 -8.69
N LEU A 133 18.10 3.23 -8.17
CA LEU A 133 19.30 3.92 -7.71
C LEU A 133 20.45 3.73 -8.70
N SER A 134 21.07 4.83 -9.13
CA SER A 134 22.24 4.73 -10.01
C SER A 134 23.47 5.37 -9.32
N VAL A 135 24.66 4.76 -9.47
CA VAL A 135 25.93 5.30 -8.93
C VAL A 135 26.86 5.61 -10.11
N SER A 136 27.53 6.75 -10.06
CA SER A 136 28.25 7.20 -11.22
C SER A 136 29.66 7.70 -11.00
N LYS A 137 30.40 7.73 -12.13
CA LYS A 137 31.75 8.23 -12.31
C LYS A 137 31.78 9.74 -11.98
N ASP A 138 30.62 10.44 -12.01
CA ASP A 138 30.53 11.86 -11.67
C ASP A 138 30.53 12.14 -10.15
N HIS A 139 30.83 11.11 -9.32
CA HIS A 139 30.95 11.19 -7.84
C HIS A 139 29.57 11.23 -7.12
N ALA A 140 28.47 11.09 -7.85
CA ALA A 140 27.14 11.16 -7.25
C ALA A 140 26.34 9.86 -7.37
N LEU A 141 25.31 9.73 -6.52
CA LEU A 141 24.27 8.69 -6.59
C LEU A 141 23.01 9.44 -7.00
N ARG A 142 22.13 8.78 -7.76
CA ARG A 142 20.87 9.36 -8.21
C ARG A 142 19.72 8.37 -7.95
N LEU A 143 18.60 8.87 -7.44
CA LEU A 143 17.41 8.08 -7.18
C LEU A 143 16.33 8.54 -8.12
N TRP A 144 15.83 7.61 -8.95
CA TRP A 144 14.82 7.87 -9.98
C TRP A 144 13.54 7.14 -9.64
N ASN A 145 12.43 7.75 -10.03
CA ASN A 145 11.10 7.17 -9.94
C ASN A 145 10.79 6.88 -11.42
N ILE A 146 10.91 5.60 -11.82
CA ILE A 146 10.71 5.20 -13.23
C ILE A 146 9.23 5.10 -13.63
N GLN A 147 8.30 5.34 -12.70
CA GLN A 147 6.88 5.34 -13.07
C GLN A 147 6.49 6.74 -13.61
N THR A 148 7.00 7.82 -12.97
CA THR A 148 6.71 9.19 -13.39
C THR A 148 7.88 9.83 -14.15
N ASP A 149 8.97 9.08 -14.40
CA ASP A 149 10.16 9.56 -15.15
C ASP A 149 10.79 10.78 -14.50
N THR A 150 10.93 10.75 -13.17
CA THR A 150 11.48 11.88 -12.42
C THR A 150 12.76 11.53 -11.68
N LEU A 151 13.66 12.51 -11.55
CA LEU A 151 14.86 12.35 -10.75
C LEU A 151 14.44 12.82 -9.34
N VAL A 152 14.34 11.87 -8.39
CA VAL A 152 13.90 12.16 -7.02
C VAL A 152 14.98 12.92 -6.25
N ALA A 153 16.21 12.41 -6.27
CA ALA A 153 17.29 13.03 -5.53
C ALA A 153 18.63 12.72 -6.11
N ILE A 154 19.58 13.60 -5.83
CA ILE A 154 21.01 13.47 -6.14
C ILE A 154 21.72 13.54 -4.80
N PHE A 155 22.49 12.48 -4.50
CA PHE A 155 23.30 12.34 -3.28
C PHE A 155 24.76 12.60 -3.73
N GLY A 156 25.23 13.78 -3.35
CA GLY A 156 26.56 14.27 -3.71
C GLY A 156 26.68 15.75 -3.43
N GLY A 157 27.88 16.26 -3.57
CA GLY A 157 28.17 17.66 -3.34
C GLY A 157 29.20 17.87 -2.25
N VAL A 158 28.95 18.86 -1.37
CA VAL A 158 29.87 19.32 -0.31
C VAL A 158 30.54 18.17 0.46
N GLU A 159 29.74 17.20 0.96
CA GLU A 159 30.27 16.04 1.70
C GLU A 159 29.95 14.73 0.99
N GLY A 160 29.68 14.81 -0.31
CA GLY A 160 29.46 13.61 -1.10
C GLY A 160 30.80 12.96 -1.41
N HIS A 161 30.79 11.87 -2.20
CA HIS A 161 32.04 11.21 -2.61
C HIS A 161 32.95 12.16 -3.42
N ARG A 162 34.28 11.96 -3.34
CA ARG A 162 35.26 12.83 -4.00
C ARG A 162 35.88 12.21 -5.24
N ASP A 163 35.39 11.02 -5.62
CA ASP A 163 35.81 10.29 -6.80
C ASP A 163 34.63 9.39 -7.19
N GLU A 164 34.76 8.58 -8.25
CA GLU A 164 33.70 7.69 -8.77
C GLU A 164 33.04 6.86 -7.70
N VAL A 165 31.71 6.76 -7.75
CA VAL A 165 30.95 5.89 -6.87
C VAL A 165 30.87 4.56 -7.63
N LEU A 166 31.37 3.50 -6.99
CA LEU A 166 31.49 2.18 -7.60
C LEU A 166 30.36 1.23 -7.29
N SER A 167 29.73 1.35 -6.12
CA SER A 167 28.68 0.42 -5.70
C SER A 167 27.81 1.09 -4.65
N ALA A 168 26.60 0.57 -4.48
CA ALA A 168 25.66 1.04 -3.44
C ALA A 168 24.66 -0.07 -3.20
N ASP A 169 24.01 -0.07 -2.04
CA ASP A 169 23.03 -1.11 -1.71
C ASP A 169 21.99 -0.53 -0.80
N TYR A 170 20.74 -0.98 -0.96
CA TYR A 170 19.68 -0.62 -0.04
C TYR A 170 19.72 -1.71 1.05
N ASP A 171 19.28 -1.37 2.25
CA ASP A 171 19.14 -2.36 3.34
C ASP A 171 17.88 -3.18 3.03
N LEU A 172 17.59 -4.25 3.82
CA LEU A 172 16.45 -5.14 3.52
C LEU A 172 15.11 -4.44 3.42
N LEU A 173 14.84 -3.43 4.26
CA LEU A 173 13.55 -2.75 4.20
C LEU A 173 13.53 -1.47 3.34
N GLY A 174 14.64 -1.10 2.73
CA GLY A 174 14.73 0.08 1.88
C GLY A 174 14.61 1.40 2.63
N GLU A 175 15.15 1.46 3.83
CA GLU A 175 15.13 2.67 4.67
C GLU A 175 16.42 3.48 4.49
N LYS A 176 17.48 2.84 3.98
CA LYS A 176 18.77 3.52 3.85
C LYS A 176 19.63 2.87 2.79
N ILE A 177 20.65 3.62 2.32
CA ILE A 177 21.59 3.20 1.29
C ILE A 177 23.02 3.34 1.82
N MET A 178 23.89 2.36 1.54
CA MET A 178 25.31 2.53 1.80
C MET A 178 25.96 2.60 0.42
N SER A 179 26.81 3.61 0.19
CA SER A 179 27.52 3.73 -1.08
C SER A 179 29.03 3.63 -0.84
N CYS A 180 29.80 3.37 -1.89
CA CYS A 180 31.25 3.30 -1.78
C CYS A 180 31.91 3.63 -3.08
N GLY A 181 33.19 4.01 -3.05
CA GLY A 181 33.87 4.24 -4.32
C GLY A 181 35.36 4.39 -4.31
N MET A 182 35.85 5.12 -5.33
CA MET A 182 37.28 5.35 -5.56
C MET A 182 37.96 6.22 -4.53
N ASP A 183 37.20 6.99 -3.74
CA ASP A 183 37.77 7.82 -2.67
C ASP A 183 38.03 7.00 -1.39
N HIS A 184 37.86 5.64 -1.44
CA HIS A 184 38.07 4.69 -0.34
C HIS A 184 36.97 4.84 0.73
N SER A 185 35.96 5.67 0.50
CA SER A 185 34.98 5.85 1.55
C SER A 185 33.71 5.06 1.36
N LEU A 186 32.99 4.85 2.46
CA LEU A 186 31.67 4.23 2.53
C LEU A 186 30.81 5.25 3.22
N LYS A 187 29.70 5.61 2.58
CA LYS A 187 28.79 6.66 3.05
C LYS A 187 27.36 6.18 3.16
N LEU A 188 26.71 6.57 4.27
CA LEU A 188 25.32 6.22 4.53
C LEU A 188 24.39 7.34 4.13
N TRP A 189 23.28 7.00 3.46
CA TRP A 189 22.29 7.99 3.05
C TRP A 189 20.94 7.46 3.44
N ARG A 190 20.31 8.06 4.45
CA ARG A 190 19.01 7.59 4.91
C ARG A 190 17.92 8.08 3.97
N ILE A 191 17.00 7.19 3.59
CA ILE A 191 15.90 7.58 2.71
C ILE A 191 14.53 7.45 3.40
N ASN A 192 14.53 7.14 4.72
CA ASN A 192 13.30 7.08 5.53
C ASN A 192 13.25 8.38 6.37
N SER A 193 14.05 9.40 5.98
CA SER A 193 13.99 10.69 6.67
C SER A 193 12.70 11.32 6.20
N LYS A 194 12.11 12.21 7.01
CA LYS A 194 10.88 12.91 6.60
C LYS A 194 11.13 13.65 5.27
N ARG A 195 12.31 14.25 5.09
CA ARG A 195 12.64 14.96 3.83
C ARG A 195 12.57 14.02 2.61
N MET A 196 13.23 12.86 2.68
CA MET A 196 13.27 11.89 1.58
C MET A 196 11.95 11.19 1.33
N MET A 197 11.20 10.83 2.40
CA MET A 197 9.89 10.21 2.27
CA MET A 197 9.88 10.22 2.29
C MET A 197 8.93 11.17 1.54
N ASN A 198 9.04 12.48 1.83
CA ASN A 198 8.20 13.47 1.17
C ASN A 198 8.64 13.67 -0.30
N ALA A 199 9.96 13.69 -0.57
CA ALA A 199 10.51 13.85 -1.92
C ALA A 199 10.05 12.68 -2.82
N ILE A 200 9.97 11.47 -2.25
CA ILE A 200 9.48 10.28 -2.96
C ILE A 200 7.98 10.45 -3.25
N LYS A 201 7.19 10.81 -2.23
CA LYS A 201 5.75 11.03 -2.40
C LYS A 201 5.49 12.09 -3.47
N GLU A 202 6.29 13.18 -3.47
CA GLU A 202 6.18 14.27 -4.45
C GLU A 202 6.46 13.81 -5.86
N SER A 203 7.43 12.89 -6.03
CA SER A 203 7.79 12.33 -7.35
C SER A 203 6.60 11.57 -7.95
N TYR A 204 5.70 11.02 -7.10
CA TYR A 204 4.47 10.34 -7.52
C TYR A 204 3.36 11.34 -7.89
N ASP A 205 3.40 12.56 -7.32
CA ASP A 205 2.40 13.61 -7.59
C ASP A 205 2.70 14.41 -8.87
N TYR A 206 3.94 14.33 -9.39
CA TYR A 206 4.36 15.04 -10.61
C TYR A 206 3.62 14.50 -11.84
N ARG A 213 5.85 23.30 -15.33
CA ARG A 213 7.09 23.37 -14.55
C ARG A 213 7.77 22.00 -14.43
N PRO A 214 9.11 21.90 -14.61
CA PRO A 214 9.79 20.60 -14.46
C PRO A 214 9.99 20.18 -13.00
N PHE A 215 10.18 18.87 -12.74
CA PHE A 215 10.33 18.34 -11.37
C PHE A 215 11.62 18.79 -10.66
N ILE A 216 11.47 19.27 -9.42
CA ILE A 216 12.61 19.70 -8.61
C ILE A 216 13.16 18.54 -7.77
N SER A 217 14.37 18.09 -8.13
CA SER A 217 15.07 17.02 -7.44
CA SER A 217 15.09 17.01 -7.45
C SER A 217 15.72 17.53 -6.16
N GLN A 218 15.79 16.67 -5.14
CA GLN A 218 16.44 17.02 -3.89
C GLN A 218 17.95 16.93 -4.15
N LYS A 219 18.73 17.87 -3.60
CA LYS A 219 20.19 17.79 -3.69
C LYS A 219 20.69 17.52 -2.27
N ILE A 220 21.07 16.26 -1.96
CA ILE A 220 21.53 15.85 -0.62
C ILE A 220 23.06 15.92 -0.58
N HIS A 221 23.62 16.99 0.02
CA HIS A 221 25.08 17.19 0.05
C HIS A 221 25.75 16.48 1.21
N PHE A 222 24.95 16.08 2.20
CA PHE A 222 25.50 15.56 3.43
C PHE A 222 24.98 14.16 3.74
N PRO A 223 25.90 13.19 3.90
CA PRO A 223 25.47 11.82 4.25
C PRO A 223 25.21 11.72 5.76
N ASP A 224 24.58 10.62 6.15
CA ASP A 224 24.23 10.31 7.54
C ASP A 224 25.35 9.63 8.30
N PHE A 225 26.41 9.22 7.59
CA PHE A 225 27.61 8.58 8.16
C PHE A 225 28.61 8.48 7.06
N SER A 226 29.89 8.60 7.42
CA SER A 226 30.97 8.41 6.44
C SER A 226 32.20 7.83 7.14
N THR A 227 32.92 6.91 6.47
CA THR A 227 34.19 6.37 6.99
C THR A 227 35.13 6.13 5.84
N ARG A 228 36.42 6.29 6.07
CA ARG A 228 37.49 5.94 5.14
C ARG A 228 38.43 4.97 5.90
N ASP A 229 37.93 4.39 7.01
CA ASP A 229 38.72 3.56 7.92
C ASP A 229 38.51 2.05 7.78
N ILE A 230 37.95 1.58 6.66
CA ILE A 230 37.74 0.15 6.48
C ILE A 230 38.78 -0.45 5.54
N HIS A 231 38.94 0.14 4.37
CA HIS A 231 39.86 -0.32 3.34
C HIS A 231 40.83 0.82 3.02
N ARG A 232 41.95 0.50 2.36
CA ARG A 232 42.97 1.50 2.01
C ARG A 232 43.13 1.65 0.47
N ASN A 233 42.07 1.31 -0.29
CA ASN A 233 42.03 1.42 -1.76
C ASN A 233 40.57 1.54 -2.24
N TYR A 234 40.35 1.56 -3.58
CA TYR A 234 39.02 1.64 -4.19
C TYR A 234 38.10 0.60 -3.57
N VAL A 235 36.93 1.01 -3.09
CA VAL A 235 35.91 0.12 -2.52
C VAL A 235 34.94 -0.16 -3.67
N ASP A 236 34.96 -1.42 -4.22
CA ASP A 236 34.19 -1.72 -5.43
C ASP A 236 32.90 -2.53 -5.25
N CYS A 237 32.55 -2.91 -4.02
CA CYS A 237 31.32 -3.65 -3.78
C CYS A 237 30.90 -3.47 -2.35
N VAL A 238 29.63 -3.18 -2.14
CA VAL A 238 29.06 -3.01 -0.80
C VAL A 238 27.68 -3.63 -0.75
N ARG A 239 27.40 -4.38 0.32
CA ARG A 239 26.07 -4.95 0.52
C ARG A 239 25.74 -4.89 2.00
N TRP A 240 24.46 -4.71 2.32
CA TRP A 240 24.02 -4.79 3.71
C TRP A 240 23.85 -6.26 4.07
N LEU A 241 24.26 -6.63 5.30
CA LEU A 241 24.04 -7.96 5.86
C LEU A 241 23.30 -7.68 7.17
N GLY A 242 21.99 -7.53 7.08
CA GLY A 242 21.15 -7.08 8.20
C GLY A 242 21.48 -5.62 8.50
N ASP A 243 21.90 -5.33 9.73
CA ASP A 243 22.34 -3.97 10.18
C ASP A 243 23.84 -3.82 9.97
N LEU A 244 24.50 -4.90 9.58
CA LEU A 244 25.96 -4.89 9.34
C LEU A 244 26.25 -4.63 7.85
N ILE A 245 27.51 -4.33 7.55
CA ILE A 245 27.95 -4.08 6.18
C ILE A 245 29.00 -5.10 5.76
N LEU A 246 28.91 -5.55 4.51
CA LEU A 246 29.94 -6.35 3.85
C LEU A 246 30.49 -5.43 2.77
N SER A 247 31.78 -5.19 2.79
CA SER A 247 32.39 -4.38 1.73
C SER A 247 33.74 -4.92 1.35
N LYS A 248 34.17 -4.66 0.13
CA LYS A 248 35.51 -5.13 -0.29
C LYS A 248 36.25 -4.09 -1.10
N SER A 249 37.57 -4.21 -1.09
CA SER A 249 38.51 -3.44 -1.88
C SER A 249 39.30 -4.50 -2.66
N CYS A 250 40.52 -4.20 -3.05
CA CYS A 250 41.31 -5.17 -3.82
C CYS A 250 42.38 -5.78 -2.89
N GLU A 251 42.10 -5.83 -1.57
CA GLU A 251 43.06 -6.28 -0.57
C GLU A 251 42.84 -7.74 -0.14
N ASN A 252 42.21 -8.52 -1.01
CA ASN A 252 41.96 -9.95 -0.82
C ASN A 252 41.16 -10.30 0.45
N ALA A 253 40.19 -9.43 0.80
CA ALA A 253 39.26 -9.66 1.90
C ALA A 253 37.96 -8.88 1.72
N ILE A 254 36.83 -9.49 2.11
CA ILE A 254 35.52 -8.86 2.26
C ILE A 254 35.49 -8.57 3.77
N VAL A 255 35.26 -7.31 4.14
CA VAL A 255 35.23 -6.93 5.56
C VAL A 255 33.81 -6.82 6.03
N CYS A 256 33.50 -7.43 7.18
CA CYS A 256 32.21 -7.27 7.80
C CYS A 256 32.41 -6.24 8.91
N TRP A 257 31.63 -5.16 8.85
CA TRP A 257 31.81 -4.06 9.79
C TRP A 257 30.49 -3.32 10.07
N LYS A 258 30.50 -2.38 11.04
CA LYS A 258 29.32 -1.59 11.36
C LYS A 258 29.71 -0.17 11.76
N PRO A 259 28.90 0.85 11.43
CA PRO A 259 29.17 2.20 11.94
C PRO A 259 29.10 2.21 13.49
N GLY A 260 29.89 3.08 14.10
CA GLY A 260 29.94 3.30 15.54
C GLY A 260 30.69 2.25 16.33
N LYS A 261 30.46 2.22 17.64
CA LYS A 261 31.05 1.24 18.56
C LYS A 261 30.26 -0.08 18.49
N MET A 262 30.81 -1.18 19.05
CA MET A 262 30.22 -2.52 19.02
C MET A 262 28.70 -2.58 19.28
N GLU A 263 28.25 -1.93 20.36
CA GLU A 263 26.85 -1.95 20.79
C GLU A 263 26.00 -0.81 20.23
N ASP A 264 26.51 -0.03 19.26
CA ASP A 264 25.76 1.09 18.72
C ASP A 264 24.69 0.66 17.72
N ASP A 265 23.44 1.12 17.97
CA ASP A 265 22.29 0.89 17.11
C ASP A 265 22.50 1.71 15.83
N ILE A 266 22.35 1.06 14.68
CA ILE A 266 22.46 1.67 13.35
C ILE A 266 21.54 2.91 13.21
N ASP A 267 20.34 2.90 13.82
CA ASP A 267 19.40 4.01 13.71
C ASP A 267 19.63 5.12 14.74
N LYS A 268 20.64 4.95 15.62
CA LYS A 268 21.01 5.98 16.60
C LYS A 268 22.36 6.62 16.24
N ILE A 269 23.02 6.12 15.18
CA ILE A 269 24.29 6.65 14.66
C ILE A 269 24.07 8.11 14.27
N LYS A 270 24.88 9.01 14.84
CA LYS A 270 24.80 10.43 14.52
C LYS A 270 25.62 10.67 13.25
N PRO A 271 25.31 11.69 12.41
CA PRO A 271 26.11 11.90 11.18
C PRO A 271 27.62 12.15 11.40
N SER A 272 28.00 12.71 12.56
CA SER A 272 29.41 12.98 12.86
C SER A 272 30.13 11.76 13.49
N GLU A 273 29.45 10.60 13.62
CA GLU A 273 30.05 9.39 14.22
C GLU A 273 31.46 9.09 13.67
N SER A 274 32.49 9.08 14.55
CA SER A 274 33.87 8.85 14.15
C SER A 274 34.33 7.39 14.20
N ASN A 275 33.63 6.51 14.95
CA ASN A 275 34.03 5.09 15.07
C ASN A 275 33.39 4.13 14.08
N VAL A 276 34.07 3.00 13.87
CA VAL A 276 33.66 1.85 13.08
C VAL A 276 34.05 0.62 13.87
N THR A 277 33.29 -0.45 13.72
CA THR A 277 33.60 -1.70 14.39
C THR A 277 33.68 -2.79 13.36
N ILE A 278 34.82 -3.46 13.31
CA ILE A 278 35.05 -4.58 12.42
C ILE A 278 34.61 -5.85 13.15
N LEU A 279 33.77 -6.66 12.51
CA LEU A 279 33.25 -7.90 13.07
C LEU A 279 33.98 -9.15 12.59
N GLY A 280 34.57 -9.07 11.42
CA GLY A 280 35.32 -10.19 10.84
C GLY A 280 35.67 -9.92 9.39
N ARG A 281 36.41 -10.85 8.78
CA ARG A 281 36.88 -10.78 7.39
C ARG A 281 36.74 -12.13 6.71
N PHE A 282 36.39 -12.12 5.43
CA PHE A 282 36.33 -13.33 4.61
C PHE A 282 37.58 -13.21 3.74
N ASP A 283 38.62 -13.99 4.06
CA ASP A 283 39.90 -13.95 3.37
C ASP A 283 39.93 -14.87 2.14
N TYR A 284 40.60 -14.42 1.08
CA TYR A 284 40.74 -15.21 -0.17
C TYR A 284 42.03 -14.83 -0.86
N SER A 285 42.23 -15.26 -2.11
CA SER A 285 43.49 -14.93 -2.77
C SER A 285 43.26 -14.61 -4.22
N GLN A 286 44.27 -14.01 -4.87
CA GLN A 286 44.26 -13.65 -6.29
C GLN A 286 43.01 -12.90 -6.74
N CYS A 287 42.61 -11.87 -5.98
CA CYS A 287 41.50 -10.98 -6.35
C CYS A 287 41.94 -9.56 -5.95
N ASP A 288 43.11 -9.16 -6.49
CA ASP A 288 43.77 -7.88 -6.16
C ASP A 288 43.61 -6.82 -7.24
N ILE A 289 42.81 -7.12 -8.26
CA ILE A 289 42.53 -6.19 -9.37
C ILE A 289 41.22 -5.44 -9.07
N TRP A 290 41.06 -4.24 -9.64
CA TRP A 290 39.82 -3.52 -9.42
C TRP A 290 38.65 -4.10 -10.20
N TYR A 291 37.41 -3.87 -9.68
CA TYR A 291 36.10 -4.14 -10.25
C TYR A 291 35.71 -5.60 -10.26
N MET A 292 35.58 -6.18 -9.06
CA MET A 292 35.21 -7.57 -8.88
C MET A 292 34.10 -7.54 -7.82
N ARG A 293 32.88 -8.00 -8.19
CA ARG A 293 31.74 -7.98 -7.27
C ARG A 293 31.57 -9.26 -6.51
N PHE A 294 31.06 -9.15 -5.28
CA PHE A 294 30.61 -10.32 -4.53
C PHE A 294 29.06 -10.29 -4.53
N SER A 295 28.41 -11.43 -4.27
CA SER A 295 26.94 -11.52 -4.27
CA SER A 295 26.95 -11.50 -4.25
C SER A 295 26.49 -12.48 -3.18
N MET A 296 25.23 -12.38 -2.81
CA MET A 296 24.62 -13.24 -1.83
C MET A 296 23.37 -13.81 -2.42
N ASP A 297 22.87 -14.92 -1.84
CA ASP A 297 21.59 -15.46 -2.27
C ASP A 297 20.48 -14.64 -1.60
N PHE A 298 19.21 -14.93 -1.89
CA PHE A 298 18.08 -14.17 -1.36
C PHE A 298 18.00 -14.16 0.16
N TRP A 299 18.15 -15.33 0.80
CA TRP A 299 18.04 -15.46 2.25
C TRP A 299 19.33 -15.07 2.99
N GLN A 300 20.37 -14.66 2.24
CA GLN A 300 21.68 -14.27 2.76
C GLN A 300 22.28 -15.36 3.63
N LYS A 301 22.19 -16.58 3.12
CA LYS A 301 22.74 -17.77 3.77
C LYS A 301 24.08 -18.10 3.09
N MET A 302 24.29 -17.60 1.85
CA MET A 302 25.52 -17.82 1.10
C MET A 302 26.12 -16.52 0.53
N LEU A 303 27.45 -16.47 0.49
CA LEU A 303 28.23 -15.35 -0.05
C LEU A 303 29.14 -15.91 -1.13
N ALA A 304 29.17 -15.30 -2.32
CA ALA A 304 30.02 -15.75 -3.40
C ALA A 304 30.88 -14.67 -3.99
N LEU A 305 32.11 -15.02 -4.37
CA LEU A 305 33.01 -14.08 -5.04
C LEU A 305 33.96 -14.82 -5.99
N GLY A 306 34.10 -14.30 -7.21
CA GLY A 306 35.04 -14.90 -8.15
C GLY A 306 36.37 -14.19 -8.06
N ASN A 307 37.46 -14.85 -8.45
CA ASN A 307 38.74 -14.17 -8.44
C ASN A 307 39.27 -13.98 -9.87
N GLN A 308 40.46 -13.36 -10.00
CA GLN A 308 41.04 -13.00 -11.29
C GLN A 308 41.53 -14.19 -12.16
N VAL A 309 41.61 -15.39 -11.58
CA VAL A 309 42.04 -16.61 -12.30
C VAL A 309 40.90 -17.65 -12.46
N GLY A 310 39.65 -17.22 -12.30
CA GLY A 310 38.52 -18.11 -12.54
C GLY A 310 38.06 -18.99 -11.40
N LYS A 311 38.57 -18.78 -10.18
CA LYS A 311 38.11 -19.55 -9.02
C LYS A 311 36.89 -18.83 -8.43
N LEU A 312 35.95 -19.60 -7.91
CA LEU A 312 34.73 -19.11 -7.32
C LEU A 312 34.65 -19.53 -5.85
N TYR A 313 34.67 -18.55 -4.95
CA TYR A 313 34.61 -18.83 -3.52
C TYR A 313 33.20 -18.69 -3.04
N VAL A 314 32.78 -19.61 -2.17
CA VAL A 314 31.44 -19.59 -1.59
C VAL A 314 31.57 -19.81 -0.07
N TRP A 315 30.99 -18.91 0.74
CA TRP A 315 31.03 -19.06 2.19
C TRP A 315 29.61 -19.31 2.72
N ASP A 316 29.52 -20.07 3.81
CA ASP A 316 28.26 -20.29 4.51
C ASP A 316 28.17 -19.15 5.54
N LEU A 317 27.17 -18.27 5.40
CA LEU A 317 26.98 -17.11 6.28
C LEU A 317 26.32 -17.47 7.61
N GLU A 318 25.79 -18.69 7.74
CA GLU A 318 25.13 -19.15 8.98
C GLU A 318 26.08 -19.86 9.97
N VAL A 319 27.34 -20.13 9.56
CA VAL A 319 28.36 -20.79 10.39
C VAL A 319 29.21 -19.78 11.18
N CYS A 327 34.72 -22.46 3.77
CA CYS A 327 34.75 -21.88 2.42
C CYS A 327 34.94 -22.97 1.35
N THR A 328 34.02 -23.02 0.40
CA THR A 328 34.04 -23.94 -0.73
C THR A 328 34.69 -23.20 -1.93
N THR A 329 35.65 -23.88 -2.63
CA THR A 329 36.28 -23.29 -3.80
C THR A 329 35.87 -24.08 -5.02
N LEU A 330 35.18 -23.42 -5.96
CA LEU A 330 34.71 -24.03 -7.21
C LEU A 330 35.68 -23.70 -8.32
N THR A 331 36.29 -24.76 -8.90
CA THR A 331 37.20 -24.61 -10.02
C THR A 331 36.86 -25.55 -11.16
N HIS A 332 37.22 -25.12 -12.36
CA HIS A 332 37.07 -25.89 -13.60
C HIS A 332 38.34 -25.52 -14.37
N HIS A 333 39.05 -26.51 -14.95
CA HIS A 333 40.31 -26.25 -15.68
C HIS A 333 40.15 -25.31 -16.87
N LYS A 334 38.93 -25.18 -17.45
CA LYS A 334 38.72 -24.25 -18.58
C LYS A 334 38.36 -22.84 -18.15
N CYS A 335 38.06 -22.64 -16.86
CA CYS A 335 37.67 -21.33 -16.31
C CYS A 335 38.91 -20.66 -15.70
N GLY A 336 39.58 -19.84 -16.52
CA GLY A 336 40.82 -19.15 -16.14
C GLY A 336 40.75 -17.64 -16.18
N ALA A 337 39.66 -17.06 -16.71
CA ALA A 337 39.49 -15.60 -16.81
C ALA A 337 38.88 -15.01 -15.53
N ALA A 338 39.09 -13.68 -15.29
CA ALA A 338 38.55 -13.01 -14.11
C ALA A 338 37.02 -13.14 -14.07
N ILE A 339 36.47 -13.59 -12.95
CA ILE A 339 35.01 -13.67 -12.75
C ILE A 339 34.61 -12.30 -12.19
N ARG A 340 33.90 -11.49 -13.01
CA ARG A 340 33.52 -10.12 -12.65
C ARG A 340 32.35 -10.05 -11.70
N GLN A 341 31.39 -10.94 -11.88
CA GLN A 341 30.20 -10.98 -11.01
C GLN A 341 29.58 -12.35 -11.08
N THR A 342 28.81 -12.65 -10.02
CA THR A 342 28.07 -13.89 -9.87
C THR A 342 26.63 -13.58 -9.51
N SER A 343 25.76 -14.56 -9.69
CA SER A 343 24.37 -14.41 -9.32
C SER A 343 23.81 -15.76 -8.97
N PHE A 344 23.16 -15.83 -7.80
CA PHE A 344 22.42 -17.01 -7.39
C PHE A 344 20.97 -16.93 -7.92
N SER A 345 20.34 -18.09 -8.22
CA SER A 345 18.90 -18.16 -8.54
C SER A 345 18.17 -17.85 -7.20
N ARG A 346 16.87 -17.49 -7.21
CA ARG A 346 16.18 -17.12 -5.96
C ARG A 346 16.16 -18.26 -4.95
N ASP A 347 16.00 -19.50 -5.43
CA ASP A 347 15.99 -20.68 -4.56
C ASP A 347 17.41 -21.19 -4.19
N SER A 348 18.47 -20.49 -4.71
CA SER A 348 19.90 -20.79 -4.50
C SER A 348 20.36 -22.14 -5.07
N SER A 349 19.57 -22.75 -5.98
CA SER A 349 19.93 -24.06 -6.59
C SER A 349 20.96 -23.87 -7.68
N ILE A 350 21.02 -22.65 -8.24
CA ILE A 350 21.93 -22.32 -9.35
C ILE A 350 22.78 -21.10 -9.03
N LEU A 351 24.06 -21.18 -9.39
CA LEU A 351 25.04 -20.08 -9.27
C LEU A 351 25.67 -19.86 -10.66
N ILE A 352 25.57 -18.65 -11.20
CA ILE A 352 26.14 -18.32 -12.51
C ILE A 352 27.30 -17.34 -12.29
N ALA A 353 28.40 -17.55 -13.00
CA ALA A 353 29.58 -16.69 -12.95
C ALA A 353 29.83 -16.20 -14.39
N VAL A 354 30.16 -14.90 -14.54
CA VAL A 354 30.47 -14.28 -15.85
C VAL A 354 31.89 -13.73 -15.81
N CYS A 355 32.61 -13.80 -16.94
CA CYS A 355 34.05 -13.55 -17.03
C CYS A 355 34.48 -12.50 -17.99
N ASP A 356 35.76 -12.10 -17.87
CA ASP A 356 36.45 -11.15 -18.73
C ASP A 356 36.57 -11.61 -20.19
N ASP A 357 36.53 -12.93 -20.45
CA ASP A 357 36.64 -13.48 -21.82
C ASP A 357 35.23 -13.78 -22.43
N ALA A 358 34.15 -13.18 -21.86
CA ALA A 358 32.73 -13.36 -22.28
C ALA A 358 32.17 -14.74 -21.97
N SER A 359 32.83 -15.53 -21.12
CA SER A 359 32.29 -16.86 -20.83
C SER A 359 31.31 -16.80 -19.65
N ILE A 360 30.38 -17.75 -19.60
CA ILE A 360 29.34 -17.85 -18.58
C ILE A 360 29.45 -19.26 -18.02
N TRP A 361 29.40 -19.42 -16.70
CA TRP A 361 29.58 -20.72 -16.05
C TRP A 361 28.38 -21.03 -15.16
N ARG A 362 27.81 -22.22 -15.31
CA ARG A 362 26.67 -22.64 -14.50
C ARG A 362 27.07 -23.70 -13.47
N TRP A 363 26.83 -23.40 -12.20
CA TRP A 363 27.10 -24.30 -11.08
C TRP A 363 25.78 -24.65 -10.39
N ASP A 364 25.43 -25.96 -10.32
CA ASP A 364 24.22 -26.42 -9.67
C ASP A 364 24.55 -27.00 -8.31
N ARG A 365 23.73 -26.63 -7.31
CA ARG A 365 23.90 -27.06 -5.94
C ARG A 365 23.62 -28.55 -5.82
N LEU A 366 24.48 -29.28 -5.09
CA LEU A 366 24.32 -30.73 -4.88
C LEU A 366 23.42 -30.99 -3.67
N TYR B 6 -21.07 14.12 29.08
CA TYR B 6 -21.21 14.86 27.83
C TYR B 6 -22.41 15.80 27.86
N SER B 7 -22.14 17.10 27.68
CA SER B 7 -23.15 18.16 27.64
C SER B 7 -23.09 18.93 26.30
N PHE B 8 -24.24 19.35 25.79
CA PHE B 8 -24.38 20.08 24.50
C PHE B 8 -25.39 21.22 24.65
N LYS B 9 -25.22 22.28 23.86
CA LYS B 9 -26.15 23.41 23.81
C LYS B 9 -26.58 23.64 22.35
N CYS B 10 -27.87 23.93 22.13
CA CYS B 10 -28.38 24.19 20.78
C CYS B 10 -28.06 25.62 20.41
N VAL B 11 -27.22 25.81 19.41
CA VAL B 11 -26.76 27.17 19.08
C VAL B 11 -27.44 27.77 17.85
N ASN B 12 -27.99 26.92 17.00
CA ASN B 12 -28.59 27.40 15.76
C ASN B 12 -29.43 26.32 15.12
N SER B 13 -30.26 26.74 14.20
CA SER B 13 -31.11 25.87 13.40
C SER B 13 -31.52 26.63 12.15
N LEU B 14 -31.99 25.91 11.12
CA LEU B 14 -32.53 26.48 9.89
C LEU B 14 -33.48 25.47 9.25
N LYS B 15 -34.17 25.89 8.20
CA LYS B 15 -35.12 25.04 7.49
C LYS B 15 -34.83 25.20 6.01
N GLU B 16 -34.63 24.08 5.29
CA GLU B 16 -34.37 24.10 3.83
C GLU B 16 -35.70 24.39 3.14
N ASP B 17 -35.67 25.24 2.13
CA ASP B 17 -36.88 25.76 1.46
C ASP B 17 -37.72 24.72 0.69
N HIS B 18 -37.21 23.51 0.44
CA HIS B 18 -37.97 22.46 -0.22
C HIS B 18 -39.05 21.83 0.71
N ASN B 19 -38.94 22.02 2.05
CA ASN B 19 -39.86 21.51 3.08
C ASN B 19 -40.07 19.98 3.04
N GLN B 20 -39.14 19.24 2.44
CA GLN B 20 -39.24 17.79 2.34
C GLN B 20 -38.36 17.12 3.39
N PRO B 21 -38.70 15.89 3.84
CA PRO B 21 -37.84 15.21 4.82
C PRO B 21 -36.37 15.14 4.43
N LEU B 22 -35.48 15.37 5.39
CA LEU B 22 -34.04 15.22 5.22
C LEU B 22 -33.74 13.86 5.83
N PHE B 23 -33.21 12.94 5.02
CA PHE B 23 -32.98 11.56 5.41
C PHE B 23 -31.55 11.30 5.81
N GLY B 24 -30.64 12.14 5.35
CA GLY B 24 -29.23 11.93 5.59
C GLY B 24 -28.47 13.20 5.89
N VAL B 25 -27.41 13.05 6.68
CA VAL B 25 -26.49 14.12 7.07
C VAL B 25 -25.15 13.46 7.39
N GLN B 26 -24.05 14.05 6.91
CA GLN B 26 -22.70 13.53 7.16
C GLN B 26 -21.74 14.67 7.21
N PHE B 27 -20.94 14.76 8.29
CA PHE B 27 -19.81 15.68 8.31
C PHE B 27 -18.73 15.01 7.46
N ASN B 28 -17.84 15.81 6.85
CA ASN B 28 -16.72 15.30 6.06
C ASN B 28 -15.61 14.98 7.06
N TRP B 29 -15.44 13.69 7.41
CA TRP B 29 -14.38 13.30 8.34
C TRP B 29 -12.99 13.22 7.69
N HIS B 30 -12.89 13.45 6.35
CA HIS B 30 -11.62 13.45 5.62
C HIS B 30 -10.85 14.77 5.70
N SER B 31 -11.54 15.91 6.00
CA SER B 31 -10.88 17.21 6.12
C SER B 31 -9.82 17.20 7.23
N LYS B 32 -8.66 17.82 6.97
CA LYS B 32 -7.54 17.81 7.92
C LYS B 32 -7.78 18.74 9.10
N GLU B 33 -7.08 18.49 10.22
CA GLU B 33 -7.15 19.31 11.44
C GLU B 33 -6.90 20.77 11.05
N GLY B 34 -7.76 21.66 11.56
CA GLY B 34 -7.68 23.08 11.26
C GLY B 34 -8.53 23.53 10.10
N ASP B 35 -8.90 22.60 9.19
CA ASP B 35 -9.76 22.94 8.06
C ASP B 35 -11.22 23.11 8.50
N PRO B 36 -12.05 23.93 7.81
CA PRO B 36 -13.41 24.17 8.31
C PRO B 36 -14.29 22.92 8.31
N LEU B 37 -15.19 22.84 9.30
CA LEU B 37 -16.07 21.69 9.47
C LEU B 37 -17.25 21.79 8.51
N VAL B 38 -17.25 20.93 7.51
CA VAL B 38 -18.26 20.85 6.47
C VAL B 38 -19.18 19.63 6.67
N PHE B 39 -20.48 19.81 6.45
CA PHE B 39 -21.43 18.70 6.42
C PHE B 39 -22.36 18.82 5.21
N ALA B 40 -22.85 17.68 4.73
CA ALA B 40 -23.81 17.57 3.64
C ALA B 40 -25.12 17.06 4.20
N THR B 41 -26.24 17.48 3.59
CA THR B 41 -27.58 17.00 3.94
C THR B 41 -28.20 16.51 2.65
N VAL B 42 -29.14 15.54 2.74
CA VAL B 42 -29.84 14.97 1.59
C VAL B 42 -31.29 14.79 1.89
N GLY B 43 -32.11 15.19 0.94
CA GLY B 43 -33.56 15.07 1.00
C GLY B 43 -34.14 15.63 -0.27
N SER B 44 -35.37 15.22 -0.63
CA SER B 44 -36.02 15.62 -1.89
C SER B 44 -35.02 15.28 -3.01
N ASN B 45 -34.87 16.12 -4.04
CA ASN B 45 -33.91 15.91 -5.12
C ASN B 45 -32.70 16.81 -4.87
N ARG B 46 -32.40 17.04 -3.58
CA ARG B 46 -31.33 17.96 -3.20
C ARG B 46 -30.21 17.36 -2.35
N VAL B 47 -29.03 17.92 -2.53
CA VAL B 47 -27.79 17.67 -1.78
C VAL B 47 -27.31 19.08 -1.43
N THR B 48 -27.10 19.38 -0.14
CA THR B 48 -26.65 20.73 0.24
C THR B 48 -25.42 20.66 1.14
N LEU B 49 -24.44 21.55 0.89
CA LEU B 49 -23.23 21.67 1.70
C LEU B 49 -23.26 22.91 2.56
N TYR B 50 -22.84 22.76 3.81
CA TYR B 50 -22.78 23.82 4.82
C TYR B 50 -21.46 23.79 5.53
N GLU B 51 -21.03 24.96 6.01
CA GLU B 51 -19.81 25.08 6.77
C GLU B 51 -20.16 25.55 8.18
N CYS B 52 -19.51 24.98 9.20
CA CYS B 52 -19.77 25.42 10.57
C CYS B 52 -18.75 26.46 10.99
N HIS B 53 -19.22 27.66 11.40
CA HIS B 53 -18.36 28.74 11.86
C HIS B 53 -18.67 29.07 13.31
N SER B 54 -17.87 29.95 13.89
CA SER B 54 -18.05 30.28 15.29
C SER B 54 -19.40 30.94 15.54
N GLN B 55 -19.79 30.96 16.83
CA GLN B 55 -21.05 31.53 17.27
C GLN B 55 -22.23 30.85 16.60
N GLY B 56 -22.10 29.54 16.44
CA GLY B 56 -23.14 28.71 15.87
C GLY B 56 -23.47 28.96 14.42
N GLU B 57 -22.69 29.81 13.72
CA GLU B 57 -23.02 30.08 12.31
C GLU B 57 -23.03 28.79 11.44
N ILE B 58 -24.11 28.61 10.67
CA ILE B 58 -24.23 27.50 9.71
C ILE B 58 -24.22 28.22 8.33
N ARG B 59 -23.08 28.16 7.66
CA ARG B 59 -22.92 28.87 6.39
C ARG B 59 -23.27 27.99 5.19
N LEU B 60 -24.26 28.41 4.39
CA LEU B 60 -24.67 27.67 3.20
C LEU B 60 -23.57 27.79 2.13
N LEU B 61 -23.03 26.67 1.67
CA LEU B 61 -22.00 26.70 0.64
C LEU B 61 -22.63 26.55 -0.75
N GLN B 62 -22.92 25.32 -1.17
CA GLN B 62 -23.47 25.04 -2.50
C GLN B 62 -24.64 24.05 -2.38
N SER B 63 -25.45 23.97 -3.45
CA SER B 63 -26.59 23.06 -3.54
C SER B 63 -26.56 22.33 -4.90
N TYR B 64 -26.84 21.02 -4.88
CA TYR B 64 -26.99 20.19 -6.07
C TYR B 64 -28.47 19.89 -6.18
N VAL B 65 -29.12 20.40 -7.23
CA VAL B 65 -30.53 20.18 -7.50
C VAL B 65 -30.56 19.24 -8.69
N ASP B 66 -31.10 18.02 -8.50
CA ASP B 66 -31.19 17.04 -9.59
C ASP B 66 -32.17 17.48 -10.68
N ALA B 67 -31.85 17.20 -11.96
CA ALA B 67 -32.70 17.54 -13.12
C ALA B 67 -34.02 16.76 -13.02
N ASP B 68 -33.96 15.53 -12.48
CA ASP B 68 -35.14 14.71 -12.21
C ASP B 68 -35.76 15.26 -10.92
N ALA B 69 -36.91 15.92 -11.04
CA ALA B 69 -37.64 16.53 -9.93
C ALA B 69 -38.19 15.49 -8.94
N ASP B 70 -38.44 14.26 -9.43
CA ASP B 70 -38.99 13.14 -8.66
C ASP B 70 -37.94 12.22 -8.01
N GLU B 71 -36.63 12.56 -8.13
CA GLU B 71 -35.58 11.82 -7.42
C GLU B 71 -35.73 12.16 -5.94
N ASN B 72 -35.48 11.19 -5.05
CA ASN B 72 -35.52 11.45 -3.62
C ASN B 72 -34.26 10.89 -3.01
N PHE B 73 -33.28 11.76 -2.70
CA PHE B 73 -32.04 11.23 -2.11
C PHE B 73 -32.26 10.73 -0.69
N TYR B 74 -31.67 9.58 -0.39
CA TYR B 74 -31.81 8.91 0.90
C TYR B 74 -30.53 8.89 1.70
N THR B 75 -29.41 9.03 1.02
CA THR B 75 -28.12 8.78 1.68
C THR B 75 -26.97 9.50 1.01
N CYS B 76 -25.90 9.74 1.78
CA CYS B 76 -24.67 10.34 1.22
C CYS B 76 -23.48 9.85 2.02
N ALA B 77 -22.28 9.90 1.43
CA ALA B 77 -21.06 9.43 2.07
C ALA B 77 -19.89 10.14 1.43
N TRP B 78 -18.93 10.58 2.26
CA TRP B 78 -17.74 11.28 1.77
C TRP B 78 -16.57 10.34 1.47
N THR B 79 -15.77 10.76 0.51
CA THR B 79 -14.53 10.10 0.17
C THR B 79 -13.58 11.15 -0.34
N TYR B 80 -12.46 10.71 -0.90
CA TYR B 80 -11.50 11.62 -1.54
C TYR B 80 -10.93 10.87 -2.74
N ASP B 81 -10.42 11.63 -3.68
CA ASP B 81 -9.75 11.11 -4.88
C ASP B 81 -8.33 10.73 -4.41
N SER B 82 -7.98 9.43 -4.50
CA SER B 82 -6.68 8.90 -4.05
C SER B 82 -5.46 9.46 -4.79
N ASN B 83 -5.65 10.05 -5.99
CA ASN B 83 -4.52 10.62 -6.75
C ASN B 83 -4.32 12.11 -6.51
N THR B 84 -5.40 12.88 -6.38
CA THR B 84 -5.33 14.35 -6.23
C THR B 84 -5.64 14.88 -4.83
N SER B 85 -6.07 14.00 -3.90
CA SER B 85 -6.47 14.35 -2.52
C SER B 85 -7.73 15.25 -2.48
N HIS B 86 -8.43 15.40 -3.61
CA HIS B 86 -9.64 16.21 -3.75
C HIS B 86 -10.83 15.54 -3.04
N PRO B 87 -11.69 16.29 -2.30
CA PRO B 87 -12.85 15.66 -1.64
C PRO B 87 -13.92 15.25 -2.65
N LEU B 88 -14.65 14.17 -2.35
CA LEU B 88 -15.74 13.69 -3.18
C LEU B 88 -16.91 13.30 -2.30
N LEU B 89 -18.14 13.42 -2.86
CA LEU B 89 -19.37 13.08 -2.17
C LEU B 89 -20.26 12.16 -3.04
N ALA B 90 -20.58 10.98 -2.53
CA ALA B 90 -21.46 10.02 -3.19
C ALA B 90 -22.86 10.18 -2.61
N VAL B 91 -23.88 10.19 -3.47
CA VAL B 91 -25.28 10.35 -3.10
C VAL B 91 -26.11 9.37 -3.92
N ALA B 92 -27.25 8.92 -3.36
CA ALA B 92 -28.18 8.00 -4.02
C ALA B 92 -29.52 8.01 -3.28
N GLY B 93 -30.57 7.56 -3.94
CA GLY B 93 -31.89 7.45 -3.34
C GLY B 93 -32.85 6.57 -4.12
N SER B 94 -34.10 7.07 -4.26
CA SER B 94 -35.21 6.39 -4.89
C SER B 94 -34.95 5.89 -6.32
N ARG B 95 -34.27 6.69 -7.18
CA ARG B 95 -33.99 6.30 -8.57
C ARG B 95 -32.98 5.14 -8.71
N GLY B 96 -32.26 4.83 -7.64
CA GLY B 96 -31.26 3.77 -7.63
C GLY B 96 -30.02 4.09 -8.43
N ILE B 97 -29.73 5.40 -8.60
CA ILE B 97 -28.56 5.91 -9.33
C ILE B 97 -27.54 6.47 -8.30
N ILE B 98 -26.28 6.00 -8.36
CA ILE B 98 -25.21 6.54 -7.50
C ILE B 98 -24.57 7.71 -8.25
N ARG B 99 -24.43 8.86 -7.57
CA ARG B 99 -23.79 10.03 -8.16
C ARG B 99 -22.58 10.38 -7.36
N ILE B 100 -21.46 10.58 -8.05
CA ILE B 100 -20.21 11.04 -7.46
C ILE B 100 -20.14 12.52 -7.80
N ILE B 101 -20.28 13.33 -6.78
CA ILE B 101 -20.31 14.78 -6.90
C ILE B 101 -18.99 15.41 -6.44
N ASN B 102 -18.51 16.41 -7.19
CA ASN B 102 -17.37 17.21 -6.79
C ASN B 102 -18.00 18.27 -5.87
N PRO B 103 -17.74 18.25 -4.53
CA PRO B 103 -18.38 19.21 -3.61
C PRO B 103 -18.07 20.69 -3.82
N ILE B 104 -16.91 21.01 -4.40
CA ILE B 104 -16.50 22.41 -4.62
C ILE B 104 -17.35 23.06 -5.73
N THR B 105 -17.78 22.29 -6.74
CA THR B 105 -18.57 22.83 -7.85
C THR B 105 -20.04 22.34 -7.90
N MET B 106 -20.34 21.25 -7.18
CA MET B 106 -21.62 20.52 -7.18
C MET B 106 -21.89 19.87 -8.54
N GLN B 107 -20.81 19.57 -9.31
CA GLN B 107 -20.96 18.88 -10.58
C GLN B 107 -20.99 17.38 -10.31
N CYS B 108 -21.90 16.67 -10.98
CA CYS B 108 -21.91 15.22 -10.91
C CYS B 108 -20.83 14.76 -11.90
N ILE B 109 -19.71 14.27 -11.36
CA ILE B 109 -18.50 13.82 -12.07
C ILE B 109 -18.78 12.53 -12.81
N LYS B 110 -19.45 11.59 -12.13
CA LYS B 110 -19.81 10.30 -12.71
C LYS B 110 -21.00 9.70 -11.99
N HIS B 111 -21.74 8.82 -12.68
CA HIS B 111 -22.90 8.15 -12.08
C HIS B 111 -22.93 6.67 -12.43
N TYR B 112 -23.51 5.84 -11.53
CA TYR B 112 -23.65 4.40 -11.67
C TYR B 112 -25.09 3.98 -11.55
N VAL B 113 -25.55 3.24 -12.58
CA VAL B 113 -26.85 2.59 -12.64
C VAL B 113 -26.50 1.10 -12.40
N GLY B 114 -27.43 0.34 -11.86
CA GLY B 114 -27.19 -1.07 -11.65
C GLY B 114 -28.22 -1.81 -10.83
N HIS B 115 -28.50 -1.29 -9.63
CA HIS B 115 -29.45 -1.89 -8.69
C HIS B 115 -30.84 -2.11 -9.30
N GLY B 116 -31.34 -1.12 -10.02
CA GLY B 116 -32.66 -1.21 -10.63
C GLY B 116 -33.78 -1.04 -9.60
N ASN B 117 -33.40 -0.47 -8.43
CA ASN B 117 -34.25 -0.18 -7.30
C ASN B 117 -33.56 0.85 -6.39
N ALA B 118 -34.34 1.49 -5.51
CA ALA B 118 -33.83 2.51 -4.58
C ALA B 118 -32.63 2.04 -3.79
N ILE B 119 -31.70 2.98 -3.54
CA ILE B 119 -30.53 2.73 -2.74
C ILE B 119 -30.81 3.37 -1.38
N ASN B 120 -30.78 2.54 -0.34
CA ASN B 120 -31.09 2.95 1.03
C ASN B 120 -29.93 3.49 1.83
N GLU B 121 -28.70 3.09 1.51
CA GLU B 121 -27.50 3.57 2.23
C GLU B 121 -26.26 3.37 1.37
N LEU B 122 -25.29 4.28 1.54
CA LEU B 122 -24.00 4.22 0.90
C LEU B 122 -22.94 4.30 2.02
N LYS B 123 -21.84 3.56 1.86
CA LYS B 123 -20.73 3.59 2.82
C LYS B 123 -19.44 3.38 2.08
N PHE B 124 -18.41 4.16 2.43
CA PHE B 124 -17.08 3.96 1.85
C PHE B 124 -16.25 3.11 2.79
N HIS B 125 -15.38 2.27 2.22
CA HIS B 125 -14.42 1.42 2.92
C HIS B 125 -13.50 2.30 3.78
N PRO B 126 -13.20 1.91 5.04
CA PRO B 126 -12.37 2.77 5.92
C PRO B 126 -10.89 2.93 5.55
N ARG B 127 -10.35 2.07 4.66
CA ARG B 127 -8.94 2.12 4.29
C ARG B 127 -8.75 2.44 2.80
N ASP B 128 -9.69 1.99 1.98
CA ASP B 128 -9.65 2.21 0.54
C ASP B 128 -10.73 3.17 0.13
N PRO B 129 -10.36 4.41 -0.27
CA PRO B 129 -11.37 5.42 -0.64
C PRO B 129 -12.14 5.12 -1.92
N ASN B 130 -11.68 4.15 -2.71
CA ASN B 130 -12.35 3.80 -3.95
C ASN B 130 -13.43 2.77 -3.82
N LEU B 131 -13.53 2.12 -2.65
CA LEU B 131 -14.51 1.06 -2.48
C LEU B 131 -15.80 1.55 -1.87
N LEU B 132 -16.84 1.59 -2.70
CA LEU B 132 -18.15 2.08 -2.28
C LEU B 132 -19.14 0.95 -2.16
N LEU B 133 -19.82 0.89 -1.02
CA LEU B 133 -20.85 -0.12 -0.79
C LEU B 133 -22.23 0.53 -0.86
N SER B 134 -23.13 -0.06 -1.65
CA SER B 134 -24.51 0.39 -1.74
C SER B 134 -25.43 -0.75 -1.27
N VAL B 135 -26.56 -0.43 -0.63
CA VAL B 135 -27.56 -1.42 -0.17
C VAL B 135 -28.87 -1.00 -0.80
N SER B 136 -29.66 -1.96 -1.28
CA SER B 136 -30.81 -1.57 -2.06
C SER B 136 -32.11 -2.30 -1.78
N LYS B 137 -33.18 -1.69 -2.29
CA LYS B 137 -34.56 -2.15 -2.32
C LYS B 137 -34.66 -3.47 -3.13
N ASP B 138 -33.68 -3.76 -4.02
CA ASP B 138 -33.67 -5.01 -4.80
C ASP B 138 -33.19 -6.25 -4.00
N HIS B 139 -32.95 -6.08 -2.68
CA HIS B 139 -32.55 -7.12 -1.72
C HIS B 139 -31.06 -7.43 -1.77
N ALA B 140 -30.26 -6.62 -2.48
CA ALA B 140 -28.82 -6.89 -2.57
C ALA B 140 -27.96 -5.73 -2.08
N LEU B 141 -26.68 -6.05 -1.84
CA LEU B 141 -25.64 -5.08 -1.53
C LEU B 141 -24.73 -5.16 -2.73
N ARG B 142 -24.11 -4.05 -3.10
CA ARG B 142 -23.18 -3.99 -4.23
C ARG B 142 -21.92 -3.29 -3.79
N LEU B 143 -20.76 -3.83 -4.18
CA LEU B 143 -19.47 -3.19 -3.86
C LEU B 143 -18.90 -2.67 -5.16
N TRP B 144 -18.66 -1.36 -5.25
CA TRP B 144 -18.16 -0.70 -6.43
C TRP B 144 -16.73 -0.22 -6.25
N ASN B 145 -15.96 -0.22 -7.34
CA ASN B 145 -14.60 0.33 -7.37
C ASN B 145 -14.78 1.57 -8.25
N ILE B 146 -14.81 2.75 -7.62
CA ILE B 146 -15.07 4.01 -8.32
C ILE B 146 -13.82 4.61 -9.02
N GLN B 147 -12.64 3.97 -8.89
CA GLN B 147 -11.45 4.40 -9.64
C GLN B 147 -11.54 3.80 -11.04
N THR B 148 -11.91 2.51 -11.15
CA THR B 148 -12.01 1.82 -12.44
C THR B 148 -13.45 1.72 -12.96
N ASP B 149 -14.45 2.24 -12.20
CA ASP B 149 -15.88 2.22 -12.56
C ASP B 149 -16.38 0.78 -12.75
N THR B 150 -15.96 -0.10 -11.83
CA THR B 150 -16.32 -1.50 -11.91
C THR B 150 -17.21 -1.92 -10.75
N LEU B 151 -18.08 -2.88 -11.01
CA LEU B 151 -18.94 -3.46 -9.96
C LEU B 151 -18.16 -4.71 -9.51
N VAL B 152 -17.54 -4.64 -8.33
CA VAL B 152 -16.69 -5.73 -7.80
C VAL B 152 -17.52 -6.97 -7.47
N ALA B 153 -18.58 -6.78 -6.69
CA ALA B 153 -19.36 -7.91 -6.17
C ALA B 153 -20.80 -7.52 -5.89
N ILE B 154 -21.69 -8.52 -5.95
CA ILE B 154 -23.12 -8.39 -5.62
C ILE B 154 -23.34 -9.39 -4.51
N PHE B 155 -23.79 -8.90 -3.35
CA PHE B 155 -24.05 -9.75 -2.19
C PHE B 155 -25.55 -9.97 -2.09
N GLY B 156 -25.98 -11.13 -2.55
CA GLY B 156 -27.41 -11.47 -2.61
C GLY B 156 -27.68 -12.70 -3.44
N GLY B 157 -28.92 -13.16 -3.37
CA GLY B 157 -29.32 -14.37 -4.08
C GLY B 157 -29.87 -15.40 -3.12
N VAL B 158 -29.42 -16.66 -3.28
CA VAL B 158 -29.93 -17.85 -2.55
C VAL B 158 -30.09 -17.60 -1.05
N GLU B 159 -29.02 -17.19 -0.37
CA GLU B 159 -29.10 -16.93 1.06
C GLU B 159 -28.90 -15.45 1.41
N GLY B 160 -29.14 -14.60 0.42
CA GLY B 160 -29.06 -13.15 0.62
C GLY B 160 -30.35 -12.66 1.24
N HIS B 161 -30.49 -11.34 1.47
CA HIS B 161 -31.73 -10.79 2.06
C HIS B 161 -32.96 -11.14 1.21
N ARG B 162 -34.12 -11.27 1.84
CA ARG B 162 -35.37 -11.62 1.14
C ARG B 162 -36.29 -10.42 0.97
N ASP B 163 -35.81 -9.25 1.41
CA ASP B 163 -36.53 -7.99 1.29
C ASP B 163 -35.47 -6.88 1.28
N GLU B 164 -35.89 -5.62 1.17
CA GLU B 164 -35.00 -4.46 1.12
C GLU B 164 -33.91 -4.48 2.14
N VAL B 165 -32.72 -4.17 1.67
CA VAL B 165 -31.55 -3.99 2.55
C VAL B 165 -31.60 -2.51 2.94
N LEU B 166 -31.63 -2.25 4.25
CA LEU B 166 -31.81 -0.89 4.75
C LEU B 166 -30.54 -0.21 5.20
N SER B 167 -29.56 -1.00 5.67
CA SER B 167 -28.32 -0.45 6.21
C SER B 167 -27.22 -1.51 6.09
N ALA B 168 -25.97 -1.06 6.15
CA ALA B 168 -24.80 -1.91 6.19
C ALA B 168 -23.64 -1.08 6.76
N ASP B 169 -22.64 -1.76 7.32
CA ASP B 169 -21.47 -1.09 7.89
C ASP B 169 -20.25 -1.96 7.71
N TYR B 170 -19.12 -1.34 7.34
CA TYR B 170 -17.82 -2.02 7.32
C TYR B 170 -17.35 -1.96 8.75
N ASP B 171 -16.54 -2.95 9.16
CA ASP B 171 -15.93 -2.95 10.49
C ASP B 171 -14.77 -1.96 10.44
N LEU B 172 -14.08 -1.74 11.56
CA LEU B 172 -13.03 -0.70 11.63
C LEU B 172 -11.91 -0.87 10.64
N LEU B 173 -11.42 -2.09 10.45
CA LEU B 173 -10.32 -2.34 9.52
C LEU B 173 -10.76 -2.59 8.05
N GLY B 174 -12.06 -2.68 7.81
CA GLY B 174 -12.61 -2.94 6.49
C GLY B 174 -12.39 -4.36 5.98
N GLU B 175 -12.50 -5.35 6.87
CA GLU B 175 -12.36 -6.77 6.53
C GLU B 175 -13.72 -7.43 6.34
N LYS B 176 -14.78 -6.81 6.87
CA LYS B 176 -16.10 -7.44 6.82
C LYS B 176 -17.23 -6.43 6.87
N ILE B 177 -18.43 -6.86 6.45
CA ILE B 177 -19.61 -6.02 6.37
C ILE B 177 -20.75 -6.69 7.12
N MET B 178 -21.53 -5.92 7.93
CA MET B 178 -22.75 -6.46 8.45
C MET B 178 -23.86 -5.68 7.72
N SER B 179 -24.88 -6.38 7.22
CA SER B 179 -26.00 -5.72 6.56
C SER B 179 -27.28 -6.08 7.32
N CYS B 180 -28.37 -5.32 7.14
CA CYS B 180 -29.63 -5.61 7.81
C CYS B 180 -30.78 -5.07 6.97
N GLY B 181 -32.00 -5.58 7.20
CA GLY B 181 -33.12 -5.08 6.41
C GLY B 181 -34.52 -5.40 6.83
N MET B 182 -35.43 -5.26 5.85
CA MET B 182 -36.86 -5.45 6.04
C MET B 182 -37.27 -6.90 6.36
N ASP B 183 -36.39 -7.87 6.06
CA ASP B 183 -36.64 -9.27 6.32
C ASP B 183 -36.30 -9.63 7.78
N HIS B 184 -35.95 -8.63 8.63
CA HIS B 184 -35.64 -8.75 10.08
C HIS B 184 -34.25 -9.35 10.30
N SER B 185 -33.52 -9.65 9.25
CA SER B 185 -32.26 -10.31 9.45
C SER B 185 -31.05 -9.40 9.34
N LEU B 186 -29.97 -9.84 10.02
CA LEU B 186 -28.64 -9.27 9.98
C LEU B 186 -27.72 -10.31 9.39
N LYS B 187 -26.96 -9.92 8.36
CA LYS B 187 -26.06 -10.82 7.64
C LYS B 187 -24.65 -10.31 7.61
N LEU B 188 -23.67 -11.22 7.82
CA LEU B 188 -22.26 -10.89 7.79
C LEU B 188 -21.67 -11.27 6.39
N TRP B 189 -20.84 -10.39 5.83
CA TRP B 189 -20.20 -10.66 4.54
C TRP B 189 -18.73 -10.34 4.67
N ARG B 190 -17.86 -11.38 4.69
CA ARG B 190 -16.42 -11.11 4.80
C ARG B 190 -15.85 -10.68 3.45
N ILE B 191 -15.04 -9.63 3.46
CA ILE B 191 -14.41 -9.14 2.23
C ILE B 191 -12.90 -9.34 2.27
N ASN B 192 -12.41 -9.95 3.37
CA ASN B 192 -10.99 -10.27 3.51
C ASN B 192 -10.80 -11.77 3.18
N SER B 193 -11.79 -12.39 2.54
CA SER B 193 -11.65 -13.80 2.12
C SER B 193 -10.69 -13.79 0.91
N LYS B 194 -10.04 -14.92 0.62
CA LYS B 194 -9.17 -14.99 -0.55
C LYS B 194 -9.95 -14.62 -1.84
N ARG B 195 -11.20 -15.06 -1.95
CA ARG B 195 -12.05 -14.77 -3.10
C ARG B 195 -12.25 -13.26 -3.29
N MET B 196 -12.65 -12.56 -2.22
CA MET B 196 -12.97 -11.14 -2.29
C MET B 196 -11.73 -10.27 -2.42
N MET B 197 -10.61 -10.66 -1.79
CA MET B 197 -9.37 -9.89 -1.94
C MET B 197 -8.90 -9.97 -3.40
N ASN B 198 -9.06 -11.17 -4.00
CA ASN B 198 -8.72 -11.38 -5.40
C ASN B 198 -9.65 -10.59 -6.31
N ALA B 199 -10.97 -10.62 -6.03
CA ALA B 199 -11.97 -9.84 -6.78
C ALA B 199 -11.63 -8.32 -6.76
N ILE B 200 -11.22 -7.80 -5.59
CA ILE B 200 -10.83 -6.38 -5.43
C ILE B 200 -9.59 -6.08 -6.27
N LYS B 201 -8.58 -6.98 -6.23
CA LYS B 201 -7.35 -6.83 -6.98
C LYS B 201 -7.66 -6.83 -8.48
N GLU B 202 -8.55 -7.74 -8.93
CA GLU B 202 -8.97 -7.84 -10.33
C GLU B 202 -9.71 -6.58 -10.80
N SER B 203 -10.52 -5.98 -9.92
CA SER B 203 -11.22 -4.72 -10.22
C SER B 203 -10.24 -3.58 -10.52
N TYR B 204 -9.08 -3.55 -9.82
CA TYR B 204 -8.02 -2.56 -10.04
C TYR B 204 -7.20 -2.87 -11.30
N ASP B 205 -7.06 -4.18 -11.64
CA ASP B 205 -6.32 -4.67 -12.82
C ASP B 205 -7.11 -4.46 -14.09
N TYR B 206 -8.43 -4.19 -13.98
CA TYR B 206 -9.29 -3.99 -15.14
C TYR B 206 -8.93 -2.73 -15.93
N ASN B 207 -8.76 -2.91 -17.25
CA ASN B 207 -8.38 -1.82 -18.17
C ASN B 207 -9.23 -1.87 -19.46
N PRO B 208 -10.17 -0.91 -19.64
CA PRO B 208 -11.01 -0.90 -20.85
C PRO B 208 -10.21 -0.67 -22.14
N ASN B 209 -9.05 -0.02 -22.03
CA ASN B 209 -8.14 0.25 -23.16
C ASN B 209 -7.26 -0.96 -23.50
N LYS B 210 -7.34 -2.04 -22.70
CA LYS B 210 -6.57 -3.27 -22.96
C LYS B 210 -7.45 -4.49 -23.28
N THR B 211 -8.76 -4.41 -23.01
CA THR B 211 -9.74 -5.48 -23.24
C THR B 211 -11.09 -5.00 -23.77
N ASN B 212 -11.71 -5.83 -24.63
CA ASN B 212 -13.06 -5.62 -25.19
C ASN B 212 -14.08 -6.34 -24.30
N ARG B 213 -13.62 -7.35 -23.52
CA ARG B 213 -14.43 -8.14 -22.58
C ARG B 213 -14.86 -7.26 -21.40
N PRO B 214 -16.15 -7.28 -20.98
CA PRO B 214 -16.54 -6.46 -19.83
C PRO B 214 -16.05 -7.10 -18.53
N PHE B 215 -16.04 -6.32 -17.43
CA PHE B 215 -15.60 -6.83 -16.12
C PHE B 215 -16.63 -7.77 -15.55
N ILE B 216 -16.17 -8.90 -14.97
CA ILE B 216 -17.07 -9.90 -14.39
C ILE B 216 -17.14 -9.71 -12.88
N SER B 217 -18.35 -9.35 -12.41
CA SER B 217 -18.64 -9.12 -10.99
CA SER B 217 -18.66 -9.13 -10.99
C SER B 217 -18.82 -10.45 -10.26
N GLN B 218 -18.39 -10.52 -8.97
CA GLN B 218 -18.57 -11.74 -8.16
C GLN B 218 -20.03 -11.74 -7.74
N LYS B 219 -20.69 -12.88 -7.75
CA LYS B 219 -22.07 -12.92 -7.24
C LYS B 219 -21.98 -13.80 -5.99
N ILE B 220 -22.05 -13.17 -4.80
CA ILE B 220 -21.93 -13.87 -3.51
C ILE B 220 -23.34 -14.19 -3.03
N HIS B 221 -23.76 -15.48 -3.14
CA HIS B 221 -25.12 -15.85 -2.75
C HIS B 221 -25.22 -16.18 -1.27
N PHE B 222 -24.07 -16.43 -0.63
CA PHE B 222 -24.05 -16.94 0.74
C PHE B 222 -23.26 -16.08 1.70
N PRO B 223 -23.93 -15.64 2.78
CA PRO B 223 -23.24 -14.81 3.77
C PRO B 223 -22.43 -15.69 4.73
N ASP B 224 -21.52 -15.07 5.49
CA ASP B 224 -20.66 -15.74 6.48
C ASP B 224 -21.30 -15.93 7.85
N PHE B 225 -22.51 -15.37 8.03
CA PHE B 225 -23.34 -15.48 9.24
C PHE B 225 -24.68 -14.85 8.94
N SER B 226 -25.75 -15.34 9.55
CA SER B 226 -27.08 -14.77 9.39
C SER B 226 -27.91 -15.04 10.64
N THR B 227 -28.68 -14.04 11.08
CA THR B 227 -29.57 -14.19 12.24
C THR B 227 -30.83 -13.39 11.96
N ARG B 228 -31.92 -13.84 12.52
CA ARG B 228 -33.21 -13.16 12.48
C ARG B 228 -33.70 -13.22 13.96
N ASP B 229 -32.76 -13.41 14.90
CA ASP B 229 -33.06 -13.56 16.33
C ASP B 229 -32.78 -12.34 17.21
N ILE B 230 -32.55 -11.16 16.61
CA ILE B 230 -32.25 -9.97 17.39
C ILE B 230 -33.50 -9.08 17.55
N HIS B 231 -34.17 -8.76 16.44
CA HIS B 231 -35.32 -7.84 16.34
C HIS B 231 -36.53 -8.58 15.78
N ARG B 232 -37.73 -8.01 15.91
CA ARG B 232 -38.92 -8.68 15.40
C ARG B 232 -39.67 -7.82 14.38
N ASN B 233 -38.91 -6.96 13.69
CA ASN B 233 -39.44 -6.04 12.69
C ASN B 233 -38.28 -5.56 11.82
N TYR B 234 -38.53 -4.58 10.91
CA TYR B 234 -37.50 -4.02 10.00
C TYR B 234 -36.25 -3.57 10.78
N VAL B 235 -35.07 -3.99 10.31
CA VAL B 235 -33.84 -3.57 10.98
C VAL B 235 -33.32 -2.43 10.09
N ASP B 236 -33.42 -1.19 10.57
CA ASP B 236 -33.11 -0.05 9.69
C ASP B 236 -31.77 0.64 9.95
N CYS B 237 -30.94 0.10 10.85
CA CYS B 237 -29.62 0.68 11.13
C CYS B 237 -28.72 -0.35 11.80
N VAL B 238 -27.51 -0.49 11.28
CA VAL B 238 -26.50 -1.41 11.83
C VAL B 238 -25.14 -0.75 11.80
N ARG B 239 -24.37 -0.92 12.88
CA ARG B 239 -23.00 -0.43 12.98
C ARG B 239 -22.18 -1.43 13.77
N TRP B 240 -20.89 -1.56 13.44
CA TRP B 240 -19.98 -2.35 14.25
C TRP B 240 -19.54 -1.51 15.46
N LEU B 241 -19.34 -2.16 16.60
CA LEU B 241 -18.76 -1.55 17.80
C LEU B 241 -17.61 -2.51 18.20
N GLY B 242 -16.48 -2.40 17.51
CA GLY B 242 -15.36 -3.32 17.68
C GLY B 242 -15.74 -4.60 16.96
N ASP B 243 -15.80 -5.73 17.72
CA ASP B 243 -16.24 -7.02 17.19
C ASP B 243 -17.73 -7.25 17.46
N LEU B 244 -18.35 -6.34 18.25
CA LEU B 244 -19.78 -6.42 18.58
C LEU B 244 -20.59 -5.65 17.56
N ILE B 245 -21.91 -5.82 17.61
CA ILE B 245 -22.82 -5.13 16.70
C ILE B 245 -23.85 -4.33 17.48
N LEU B 246 -24.17 -3.15 16.96
CA LEU B 246 -25.28 -2.33 17.42
C LEU B 246 -26.28 -2.33 16.29
N SER B 247 -27.53 -2.66 16.58
CA SER B 247 -28.54 -2.61 15.55
C SER B 247 -29.87 -2.21 16.16
N LYS B 248 -30.72 -1.61 15.35
CA LYS B 248 -32.00 -1.20 15.87
C LYS B 248 -33.12 -1.50 14.90
N SER B 249 -34.29 -1.64 15.47
CA SER B 249 -35.52 -1.80 14.75
C SER B 249 -36.42 -0.63 15.24
N CYS B 250 -37.73 -0.80 15.23
CA CYS B 250 -38.65 0.26 15.65
C CYS B 250 -39.20 -0.10 17.02
N GLU B 251 -38.45 -0.91 17.77
CA GLU B 251 -38.88 -1.45 19.06
C GLU B 251 -38.32 -0.64 20.26
N ASN B 252 -37.87 0.61 20.02
CA ASN B 252 -37.38 1.57 21.03
C ASN B 252 -36.14 1.09 21.80
N ALA B 253 -35.31 0.34 21.11
CA ALA B 253 -34.06 -0.10 21.69
C ALA B 253 -33.00 -0.28 20.61
N ILE B 254 -31.75 0.07 20.94
CA ILE B 254 -30.58 -0.25 20.12
C ILE B 254 -30.04 -1.48 20.86
N VAL B 255 -29.93 -2.62 20.16
CA VAL B 255 -29.46 -3.87 20.78
C VAL B 255 -27.97 -4.07 20.50
N CYS B 256 -27.20 -4.33 21.57
CA CYS B 256 -25.79 -4.68 21.45
C CYS B 256 -25.67 -6.19 21.48
N TRP B 257 -25.16 -6.78 20.41
CA TRP B 257 -25.10 -8.23 20.31
C TRP B 257 -23.89 -8.70 19.54
N LYS B 258 -23.67 -10.03 19.55
CA LYS B 258 -22.60 -10.65 18.79
C LYS B 258 -22.99 -12.01 18.24
N PRO B 259 -22.43 -12.41 17.09
CA PRO B 259 -22.65 -13.76 16.59
C PRO B 259 -22.02 -14.81 17.51
N GLY B 260 -22.65 -15.99 17.57
CA GLY B 260 -22.16 -17.09 18.37
C GLY B 260 -22.40 -16.91 19.86
N LYS B 261 -21.66 -17.69 20.66
CA LYS B 261 -21.72 -17.69 22.12
C LYS B 261 -20.81 -16.57 22.65
N MET B 262 -20.98 -16.16 23.93
CA MET B 262 -20.31 -15.00 24.56
C MET B 262 -18.81 -14.91 24.32
N GLU B 263 -18.11 -16.05 24.39
CA GLU B 263 -16.67 -16.16 24.22
C GLU B 263 -16.19 -16.41 22.76
N ASP B 264 -17.12 -16.52 21.78
CA ASP B 264 -16.77 -16.83 20.38
C ASP B 264 -16.06 -15.70 19.65
N ASP B 265 -14.93 -16.03 19.02
CA ASP B 265 -14.15 -15.07 18.24
C ASP B 265 -14.88 -14.80 16.91
N ILE B 266 -15.18 -13.52 16.59
CA ILE B 266 -15.85 -13.10 15.35
C ILE B 266 -15.22 -13.72 14.09
N ASP B 267 -13.89 -13.95 14.11
CA ASP B 267 -13.18 -14.49 12.95
C ASP B 267 -13.12 -16.01 12.95
N LYS B 268 -13.73 -16.64 13.97
CA LYS B 268 -13.81 -18.09 14.11
C LYS B 268 -15.26 -18.59 13.93
N ILE B 269 -16.23 -17.65 13.85
CA ILE B 269 -17.65 -17.91 13.58
C ILE B 269 -17.79 -18.69 12.25
N LYS B 270 -18.48 -19.82 12.26
CA LYS B 270 -18.72 -20.64 11.06
C LYS B 270 -19.99 -20.14 10.35
N PRO B 271 -20.11 -20.22 8.99
CA PRO B 271 -21.33 -19.71 8.32
C PRO B 271 -22.66 -20.30 8.81
N SER B 272 -22.66 -21.55 9.32
CA SER B 272 -23.84 -22.22 9.84
C SER B 272 -24.16 -21.88 11.30
N GLU B 273 -23.31 -21.08 11.98
CA GLU B 273 -23.53 -20.69 13.39
C GLU B 273 -24.98 -20.25 13.66
N SER B 274 -25.68 -21.02 14.52
CA SER B 274 -27.08 -20.79 14.83
C SER B 274 -27.33 -19.90 16.05
N ASN B 275 -26.29 -19.58 16.82
CA ASN B 275 -26.44 -18.79 18.04
C ASN B 275 -26.03 -17.33 17.90
N VAL B 276 -26.57 -16.51 18.81
CA VAL B 276 -26.28 -15.09 19.02
C VAL B 276 -26.21 -14.87 20.50
N THR B 277 -25.46 -13.83 20.92
CA THR B 277 -25.34 -13.43 22.32
C THR B 277 -25.76 -11.97 22.40
N ILE B 278 -26.78 -11.71 23.20
CA ILE B 278 -27.27 -10.35 23.40
C ILE B 278 -26.57 -9.81 24.63
N LEU B 279 -25.81 -8.75 24.46
CA LEU B 279 -25.01 -8.16 25.54
C LEU B 279 -25.70 -7.04 26.33
N GLY B 280 -26.56 -6.30 25.66
CA GLY B 280 -27.28 -5.21 26.32
C GLY B 280 -28.17 -4.45 25.37
N ARG B 281 -28.90 -3.49 25.93
CA ARG B 281 -29.82 -2.66 25.19
C ARG B 281 -29.73 -1.24 25.66
N PHE B 282 -29.78 -0.30 24.71
CA PHE B 282 -29.85 1.15 24.95
C PHE B 282 -31.32 1.47 24.68
N ASP B 283 -32.09 1.60 25.78
CA ASP B 283 -33.53 1.89 25.74
C ASP B 283 -33.81 3.39 25.59
N TYR B 284 -34.88 3.71 24.88
CA TYR B 284 -35.37 5.07 24.64
C TYR B 284 -36.87 4.96 24.40
N SER B 285 -37.50 6.05 24.00
CA SER B 285 -38.94 6.05 23.79
C SER B 285 -39.28 6.81 22.52
N GLN B 286 -40.54 6.70 22.06
CA GLN B 286 -41.09 7.46 20.92
C GLN B 286 -40.23 7.40 19.66
N CYS B 287 -39.80 6.20 19.29
CA CYS B 287 -39.04 6.02 18.05
C CYS B 287 -39.47 4.70 17.39
N ASP B 288 -40.79 4.53 17.27
CA ASP B 288 -41.48 3.35 16.76
C ASP B 288 -41.80 3.38 15.25
N ILE B 289 -41.36 4.43 14.54
CA ILE B 289 -41.54 4.59 13.09
C ILE B 289 -40.29 4.06 12.36
N TRP B 290 -40.48 3.54 11.15
CA TRP B 290 -39.40 3.03 10.34
C TRP B 290 -38.53 4.17 9.82
N TYR B 291 -37.24 3.87 9.58
CA TYR B 291 -36.22 4.70 8.94
C TYR B 291 -35.70 5.82 9.83
N MET B 292 -35.04 5.39 10.91
CA MET B 292 -34.46 6.28 11.90
C MET B 292 -33.05 5.77 12.17
N ARG B 293 -32.02 6.58 11.81
CA ARG B 293 -30.64 6.13 11.97
C ARG B 293 -29.99 6.55 13.25
N PHE B 294 -29.07 5.71 13.77
CA PHE B 294 -28.27 6.14 14.91
C PHE B 294 -26.86 6.35 14.39
N SER B 295 -26.01 7.10 15.11
CA SER B 295 -24.63 7.40 14.68
CA SER B 295 -24.62 7.31 14.67
C SER B 295 -23.68 7.39 15.85
N MET B 296 -22.38 7.30 15.58
CA MET B 296 -21.35 7.38 16.60
C MET B 296 -20.33 8.44 16.18
N ASP B 297 -19.53 8.93 17.14
CA ASP B 297 -18.43 9.85 16.86
C ASP B 297 -17.29 8.98 16.31
N PHE B 298 -16.20 9.59 15.85
CA PHE B 298 -15.06 8.85 15.29
C PHE B 298 -14.40 7.84 16.25
N TRP B 299 -14.19 8.22 17.53
CA TRP B 299 -13.57 7.37 18.54
C TRP B 299 -14.53 6.35 19.15
N GLN B 300 -15.81 6.41 18.74
CA GLN B 300 -16.89 5.52 19.19
C GLN B 300 -17.04 5.55 20.72
N LYS B 301 -17.02 6.78 21.23
CA LYS B 301 -17.17 7.12 22.65
C LYS B 301 -18.58 7.58 22.90
N MET B 302 -19.27 8.03 21.84
CA MET B 302 -20.65 8.52 21.95
C MET B 302 -21.52 7.89 20.93
N LEU B 303 -22.76 7.61 21.32
CA LEU B 303 -23.83 7.05 20.48
C LEU B 303 -25.01 8.03 20.47
N ALA B 304 -25.49 8.41 19.28
CA ALA B 304 -26.61 9.36 19.20
C ALA B 304 -27.76 8.82 18.35
N LEU B 305 -28.99 9.12 18.76
CA LEU B 305 -30.18 8.74 18.01
C LEU B 305 -31.29 9.74 18.27
N GLY B 306 -31.97 10.17 17.19
CA GLY B 306 -33.11 11.07 17.28
C GLY B 306 -34.40 10.29 17.34
N ASN B 307 -35.47 10.89 17.87
CA ASN B 307 -36.74 10.18 17.92
C ASN B 307 -37.78 10.91 17.11
N GLN B 308 -39.03 10.41 17.09
CA GLN B 308 -40.09 10.92 16.21
C GLN B 308 -40.68 12.27 16.64
N VAL B 309 -40.38 12.72 17.86
CA VAL B 309 -40.90 14.01 18.36
C VAL B 309 -39.78 15.07 18.54
N GLY B 310 -38.64 14.82 17.88
CA GLY B 310 -37.54 15.77 17.90
C GLY B 310 -36.58 15.74 19.08
N LYS B 311 -36.60 14.68 19.88
CA LYS B 311 -35.62 14.55 20.98
C LYS B 311 -34.36 13.85 20.47
N LEU B 312 -33.19 14.18 21.02
CA LEU B 312 -31.92 13.59 20.58
C LEU B 312 -31.26 12.91 21.78
N TYR B 313 -31.13 11.59 21.74
CA TYR B 313 -30.50 10.86 22.83
C TYR B 313 -29.04 10.70 22.55
N VAL B 314 -28.23 10.78 23.60
CA VAL B 314 -26.79 10.60 23.53
C VAL B 314 -26.35 9.71 24.68
N TRP B 315 -25.60 8.64 24.37
CA TRP B 315 -25.09 7.73 25.39
C TRP B 315 -23.58 7.74 25.33
N ASP B 316 -22.98 7.58 26.50
CA ASP B 316 -21.54 7.49 26.66
C ASP B 316 -21.24 5.99 26.54
N LEU B 317 -20.47 5.61 25.50
CA LEU B 317 -20.10 4.22 25.23
C LEU B 317 -18.95 3.71 26.11
N GLU B 318 -18.31 4.60 26.89
CA GLU B 318 -17.24 4.15 27.80
C GLU B 318 -17.79 3.73 29.18
N VAL B 319 -19.10 3.96 29.42
CA VAL B 319 -19.77 3.59 30.68
C VAL B 319 -20.34 2.18 30.59
N CYS B 327 -28.32 8.29 27.96
CA CYS B 327 -27.77 9.07 29.05
C CYS B 327 -28.35 10.50 29.03
N THR B 328 -27.78 11.44 28.25
CA THR B 328 -28.31 12.80 28.24
C THR B 328 -29.31 12.99 27.06
N THR B 329 -30.38 13.78 27.29
CA THR B 329 -31.42 14.01 26.27
C THR B 329 -31.40 15.47 25.82
N LEU B 330 -31.18 15.68 24.52
CA LEU B 330 -31.10 17.01 23.95
C LEU B 330 -32.43 17.37 23.37
N THR B 331 -33.02 18.43 23.92
CA THR B 331 -34.34 18.87 23.49
C THR B 331 -34.37 20.36 23.32
N HIS B 332 -35.13 20.81 22.33
CA HIS B 332 -35.43 22.22 22.09
C HIS B 332 -36.95 22.21 21.78
N HIS B 333 -37.74 23.10 22.42
CA HIS B 333 -39.18 23.20 22.21
C HIS B 333 -39.59 23.48 20.75
N LYS B 334 -38.71 24.10 19.93
CA LYS B 334 -39.02 24.33 18.51
C LYS B 334 -38.69 23.08 17.68
N CYS B 335 -37.96 22.11 18.27
CA CYS B 335 -37.59 20.89 17.56
C CYS B 335 -38.56 19.78 17.87
N GLY B 336 -39.56 19.65 17.02
CA GLY B 336 -40.64 18.68 17.21
C GLY B 336 -40.86 17.65 16.12
N ALA B 337 -40.10 17.72 15.01
CA ALA B 337 -40.28 16.75 13.91
C ALA B 337 -39.30 15.56 14.07
N ALA B 338 -39.59 14.42 13.43
CA ALA B 338 -38.71 13.23 13.53
C ALA B 338 -37.28 13.52 13.10
N ILE B 339 -36.29 13.14 13.92
CA ILE B 339 -34.88 13.29 13.59
C ILE B 339 -34.44 12.00 12.86
N ARG B 340 -34.27 12.11 11.54
CA ARG B 340 -33.98 10.96 10.68
C ARG B 340 -32.54 10.51 10.82
N GLN B 341 -31.62 11.45 10.97
CA GLN B 341 -30.21 11.08 11.12
C GLN B 341 -29.48 12.22 11.83
N THR B 342 -28.34 11.90 12.45
CA THR B 342 -27.45 12.85 13.12
C THR B 342 -26.03 12.61 12.66
N SER B 343 -25.16 13.62 12.83
CA SER B 343 -23.74 13.45 12.48
C SER B 343 -22.90 14.30 13.40
N PHE B 344 -21.86 13.70 13.98
CA PHE B 344 -20.88 14.41 14.81
C PHE B 344 -19.76 14.88 13.88
N SER B 345 -19.15 16.03 14.22
CA SER B 345 -17.94 16.47 13.53
C SER B 345 -16.83 15.50 13.96
N ARG B 346 -15.74 15.39 13.18
CA ARG B 346 -14.65 14.48 13.49
C ARG B 346 -14.11 14.64 14.93
N ASP B 347 -13.96 15.88 15.40
CA ASP B 347 -13.45 16.18 16.76
C ASP B 347 -14.54 16.08 17.85
N SER B 348 -15.81 15.78 17.45
CA SER B 348 -16.99 15.60 18.30
C SER B 348 -17.48 16.89 18.98
N SER B 349 -16.98 18.06 18.55
CA SER B 349 -17.35 19.36 19.10
C SER B 349 -18.75 19.79 18.62
N ILE B 350 -19.20 19.27 17.45
CA ILE B 350 -20.52 19.62 16.90
C ILE B 350 -21.34 18.37 16.62
N LEU B 351 -22.64 18.44 16.91
CA LEU B 351 -23.60 17.38 16.59
C LEU B 351 -24.75 18.02 15.78
N ILE B 352 -24.95 17.55 14.55
CA ILE B 352 -26.02 18.04 13.66
C ILE B 352 -27.13 17.01 13.60
N ALA B 353 -28.40 17.48 13.68
CA ALA B 353 -29.58 16.62 13.55
C ALA B 353 -30.41 17.16 12.39
N VAL B 354 -30.92 16.26 11.52
CA VAL B 354 -31.76 16.66 10.36
C VAL B 354 -33.13 16.01 10.52
N CYS B 355 -34.19 16.71 10.08
CA CYS B 355 -35.58 16.33 10.35
C CYS B 355 -36.49 16.13 9.15
N ASP B 356 -37.64 15.51 9.44
CA ASP B 356 -38.74 15.26 8.52
C ASP B 356 -39.32 16.53 7.92
N ASP B 357 -39.25 17.66 8.65
CA ASP B 357 -39.80 18.94 8.17
C ASP B 357 -38.71 19.80 7.43
N ALA B 358 -37.54 19.20 7.08
CA ALA B 358 -36.41 19.87 6.39
C ALA B 358 -35.59 20.80 7.32
N SER B 359 -35.82 20.69 8.64
CA SER B 359 -35.05 21.50 9.59
C SER B 359 -33.70 20.84 9.95
N ILE B 360 -32.71 21.70 10.29
CA ILE B 360 -31.35 21.29 10.63
C ILE B 360 -31.05 21.95 11.99
N TRP B 361 -30.50 21.18 12.93
CA TRP B 361 -30.24 21.65 14.29
C TRP B 361 -28.78 21.49 14.60
N ARG B 362 -28.15 22.53 15.15
CA ARG B 362 -26.74 22.44 15.49
C ARG B 362 -26.58 22.45 17.01
N TRP B 363 -25.93 21.40 17.55
CA TRP B 363 -25.65 21.25 18.98
C TRP B 363 -24.13 21.31 19.20
N ASP B 364 -23.65 22.27 20.01
CA ASP B 364 -22.20 22.39 20.28
C ASP B 364 -21.87 21.79 21.64
N ARG B 365 -20.80 20.97 21.68
CA ARG B 365 -20.37 20.29 22.91
C ARG B 365 -19.80 21.30 23.89
N LEU B 366 -20.15 21.14 25.19
CA LEU B 366 -19.69 22.05 26.25
C LEU B 366 -18.58 21.40 27.07
N SER C 5 23.44 -15.28 16.53
CA SER C 5 23.58 -13.82 16.52
C SER C 5 22.24 -13.10 16.29
N SER C 6 22.07 -11.95 16.99
CA SER C 6 20.89 -11.09 16.90
C SER C 6 20.73 -10.51 15.49
N ASN C 7 21.86 -10.26 14.78
CA ASN C 7 21.81 -9.75 13.41
C ASN C 7 21.20 -10.78 12.47
N ARG C 8 21.45 -12.08 12.72
CA ARG C 8 20.91 -13.19 11.93
C ARG C 8 19.39 -13.22 12.07
N GLN C 9 18.88 -12.93 13.30
CA GLN C 9 17.44 -12.87 13.60
C GLN C 9 16.81 -11.70 12.81
N LYS C 10 17.51 -10.54 12.76
CA LYS C 10 17.09 -9.38 11.97
C LYS C 10 16.98 -9.77 10.48
N ILE C 11 17.99 -10.52 9.94
CA ILE C 11 18.01 -11.00 8.54
C ILE C 11 16.79 -11.88 8.28
N LEU C 12 16.56 -12.88 9.15
CA LEU C 12 15.47 -13.84 9.03
C LEU C 12 14.09 -13.16 8.96
N GLU C 13 13.79 -12.31 9.94
CA GLU C 13 12.51 -11.59 10.02
C GLU C 13 12.30 -10.60 8.85
N ARG C 14 13.36 -9.88 8.43
CA ARG C 14 13.27 -8.90 7.34
C ARG C 14 13.19 -9.58 5.96
N THR C 15 13.91 -10.70 5.75
CA THR C 15 13.84 -11.46 4.49
C THR C 15 12.49 -12.17 4.42
N GLU C 16 11.96 -12.61 5.59
CA GLU C 16 10.64 -13.25 5.63
C GLU C 16 9.55 -12.24 5.15
N ILE C 17 9.64 -10.95 5.59
CA ILE C 17 8.71 -9.88 5.17
C ILE C 17 8.75 -9.73 3.64
N LEU C 18 9.97 -9.64 3.05
CA LEU C 18 10.16 -9.54 1.59
C LEU C 18 9.64 -10.77 0.87
N ASN C 19 9.85 -11.98 1.44
CA ASN C 19 9.40 -13.21 0.79
C ASN C 19 7.90 -13.29 0.78
N GLN C 20 7.24 -12.79 1.86
CA GLN C 20 5.78 -12.77 1.95
C GLN C 20 5.21 -11.83 0.88
N GLU C 21 5.84 -10.66 0.69
CA GLU C 21 5.46 -9.68 -0.35
C GLU C 21 5.63 -10.29 -1.76
N TRP C 22 6.73 -11.07 -1.96
CA TRP C 22 6.99 -11.81 -3.19
C TRP C 22 5.89 -12.90 -3.42
N LYS C 23 5.55 -13.67 -2.35
CA LYS C 23 4.51 -14.70 -2.42
C LYS C 23 3.14 -14.15 -2.80
N GLN C 24 2.86 -12.88 -2.42
CA GLN C 24 1.59 -12.18 -2.73
C GLN C 24 1.56 -11.71 -4.20
N ARG C 25 2.74 -11.66 -4.85
CA ARG C 25 2.89 -11.24 -6.24
C ARG C 25 2.81 -12.39 -7.24
N ARG C 26 2.37 -12.07 -8.47
CA ARG C 26 2.26 -13.01 -9.56
C ARG C 26 2.79 -12.33 -10.82
N ILE C 27 4.12 -12.09 -10.86
CA ILE C 27 4.82 -11.43 -11.97
C ILE C 27 4.81 -12.36 -13.18
N GLN C 28 4.48 -11.79 -14.38
CA GLN C 28 4.41 -12.49 -15.66
C GLN C 28 5.78 -13.08 -16.06
N PRO C 29 5.84 -14.35 -16.55
CA PRO C 29 7.14 -14.93 -16.94
C PRO C 29 7.82 -14.23 -18.12
N VAL C 30 9.16 -14.12 -18.08
CA VAL C 30 10.01 -13.52 -19.12
C VAL C 30 10.08 -14.50 -20.31
N MET D 3 -15.20 -8.71 28.92
CA MET D 3 -15.24 -8.63 27.46
C MET D 3 -15.49 -7.20 26.97
N PHE D 4 -16.03 -6.35 27.84
CA PHE D 4 -16.30 -4.96 27.48
C PHE D 4 -15.01 -4.17 27.49
N SER D 5 -14.06 -4.53 28.37
CA SER D 5 -12.74 -3.91 28.43
C SER D 5 -11.90 -4.34 27.24
N SER D 6 -11.95 -5.64 26.86
CA SER D 6 -11.18 -6.13 25.71
C SER D 6 -11.76 -5.55 24.41
N ASN D 7 -13.11 -5.43 24.31
CA ASN D 7 -13.72 -4.82 23.13
C ASN D 7 -13.33 -3.34 22.97
N ARG D 8 -13.28 -2.56 24.08
N ARG D 8 -13.27 -2.56 24.08
CA ARG D 8 -12.86 -1.14 24.07
CA ARG D 8 -12.86 -1.16 24.04
C ARG D 8 -11.42 -1.05 23.57
C ARG D 8 -11.38 -0.99 23.66
N GLN D 9 -10.54 -1.99 24.00
CA GLN D 9 -9.11 -2.03 23.63
C GLN D 9 -8.97 -2.19 22.11
N LYS D 10 -9.78 -3.09 21.52
CA LYS D 10 -9.86 -3.32 20.07
C LYS D 10 -10.27 -2.03 19.36
N ILE D 11 -11.30 -1.33 19.88
CA ILE D 11 -11.79 -0.06 19.32
C ILE D 11 -10.67 1.00 19.37
N LEU D 12 -10.03 1.16 20.54
CA LEU D 12 -8.89 2.08 20.72
C LEU D 12 -7.75 1.80 19.72
N GLU D 13 -7.32 0.54 19.60
CA GLU D 13 -6.22 0.16 18.69
C GLU D 13 -6.54 0.37 17.22
N ARG D 14 -7.75 -0.02 16.79
CA ARG D 14 -8.16 0.07 15.39
C ARG D 14 -8.52 1.50 15.00
N THR D 15 -9.05 2.31 15.94
CA THR D 15 -9.34 3.72 15.64
C THR D 15 -8.03 4.52 15.60
N GLU D 16 -7.03 4.11 16.39
CA GLU D 16 -5.69 4.72 16.40
C GLU D 16 -5.01 4.52 15.04
N ILE D 17 -5.16 3.31 14.43
CA ILE D 17 -4.65 2.97 13.10
C ILE D 17 -5.30 3.87 12.04
N LEU D 18 -6.65 4.05 12.10
CA LEU D 18 -7.37 4.92 11.17
C LEU D 18 -6.98 6.39 11.38
N ASN D 19 -6.80 6.82 12.64
CA ASN D 19 -6.42 8.20 12.94
C ASN D 19 -5.02 8.53 12.42
N GLN D 20 -4.07 7.58 12.56
CA GLN D 20 -2.70 7.73 12.06
C GLN D 20 -2.72 7.85 10.53
N GLU D 21 -3.63 7.09 9.87
CA GLU D 21 -3.81 7.15 8.42
C GLU D 21 -4.40 8.51 7.99
N TRP D 22 -5.35 9.03 8.78
CA TRP D 22 -5.94 10.34 8.51
C TRP D 22 -4.90 11.43 8.70
N LYS D 23 -4.13 11.39 9.82
CA LYS D 23 -3.08 12.37 10.15
C LYS D 23 -2.04 12.48 9.05
N GLN D 24 -1.74 11.35 8.38
CA GLN D 24 -0.76 11.31 7.29
C GLN D 24 -1.27 11.99 6.01
N ARG D 25 -2.61 12.05 5.83
CA ARG D 25 -3.25 12.66 4.66
C ARG D 25 -3.42 14.19 4.73
N ARG D 26 -3.52 14.82 3.54
CA ARG D 26 -3.71 16.27 3.36
C ARG D 26 -4.82 16.53 2.33
N ILE D 27 -6.06 16.13 2.64
CA ILE D 27 -7.24 16.31 1.77
C ILE D 27 -7.55 17.80 1.57
N GLN D 28 -7.85 18.21 0.31
CA GLN D 28 -8.14 19.59 -0.04
C GLN D 28 -9.44 20.06 0.61
N PRO D 29 -9.52 21.28 1.20
CA PRO D 29 -10.79 21.69 1.83
C PRO D 29 -11.91 21.91 0.80
N VAL D 30 -13.17 21.77 1.24
CA VAL D 30 -14.34 22.01 0.39
C VAL D 30 -14.54 23.54 0.31
C1 GOL E . 47.92 -11.67 -4.42
O1 GOL E . 47.19 -12.25 -5.49
C2 GOL E . 48.22 -12.67 -3.33
O2 GOL E . 48.87 -12.00 -2.25
C3 GOL E . 46.96 -13.34 -2.84
O3 GOL E . 47.16 -14.02 -1.61
Y YT3 F . 12.09 18.80 3.78
Y YT3 G . 21.60 19.25 2.03
C1 7WD H . 32.50 -4.07 -10.68
C2 7WD H . 32.20 -3.53 -11.92
C3 7WD H . 32.12 -2.16 -12.14
C11 7WD H . 32.92 -1.02 -14.37
C12 7WD H . 33.89 -2.13 -14.84
C13 7WD H . 34.97 -1.63 -15.79
C14 7WD H . 35.50 -0.28 -15.34
C16 7WD H . 33.67 0.14 -13.69
C17 7WD H . 36.66 0.37 -15.77
C19 7WD H . 35.70 1.56 -14.31
C4 7WD H . 32.27 -1.34 -11.00
C5 7WD H . 32.58 -1.89 -9.74
C6 7WD H . 32.71 -3.27 -9.55
O7 7WD H . 32.59 -5.43 -10.79
C8 7WD H . 32.30 -5.81 -12.15
O9 7WD H . 32.15 -4.54 -12.84
C10 7WD H . 31.77 -1.58 -13.50
N15 7WD H . 34.89 0.48 -14.42
N18 7WD H . 36.79 1.53 -15.08
N20 7WD H . 35.47 2.57 -13.43
C1 7WD I . -33.04 5.57 7.45
C2 7WD I . -33.32 6.05 6.20
C3 7WD I . -33.42 5.21 5.09
C11 7WD I . -35.14 5.72 3.17
C12 7WD I . -36.09 6.55 4.05
C13 7WD I . -37.49 6.71 3.43
C14 7WD I . -37.96 5.37 2.88
C16 7WD I . -35.67 4.30 2.93
C17 7WD I . -39.26 4.99 2.55
C19 7WD I . -37.93 3.36 2.25
C4 7WD I . -33.20 3.84 5.32
C5 7WD I . -32.94 3.35 6.61
C6 7WD I . -32.84 4.22 7.71
O7 7WD I . -33.01 6.60 8.33
C8 7WD I . -33.29 7.84 7.63
O9 7WD I . -33.49 7.42 6.27
C10 7WD I . -33.69 5.73 3.68
N15 7WD I . -37.12 4.34 2.66
N18 7WD I . -39.23 3.69 2.12
N20 7WD I . -37.46 2.14 1.93
#